data_6OB6
#
_entry.id   6OB6
#
_cell.length_a   72.532
_cell.length_b   72.532
_cell.length_c   335.458
_cell.angle_alpha   90.00
_cell.angle_beta   90.00
_cell.angle_gamma   120.00
#
_symmetry.space_group_name_H-M   'P 61'
#
loop_
_entity.id
_entity.type
_entity.pdbx_description
1 polymer 'Equilibrative nucleoside transporter 1'
2 non-polymer 6-{[(4-nitrophenyl)methyl]sulfanyl}-9-beta-D-ribofuranosyl-9H-purine
#
_entity_poly.entity_id   1
_entity_poly.type   'polypeptide(L)'
_entity_poly.pdbx_seq_one_letter_code
;MATTSHQPQDRYKAVWLIFFMLGLGTLLPWNFFMTATQYFTNRLDMSQNVSLVTAELSKDAQASAAPAAPLPERNSLSAI
FNNVMTLCAMLPLLLFTYLNSFLHQRIPQSVRILGSLVAILLVFLITAILVKVQLDALPFFVITMIKIVLINSFGAILQG
SLFGLAGLFPASYTAAIMSGQGLAGFFASVAMICAIASGSELSESAFGYFITACAVIILTIICYLGLPRLEFYRYYQQLK
LEGPTNESHSIKAILKKISVLAFSVCFIFTITIGMFPAVTVEVKSSIAGSSTWERYFIPVSCFLTFNIFDWLGRSLTAVF
MWPGKDSRWLPSLVLARLVFVPLLLLCNIKPRRYLTVVFEHDAWFIFFMAAFAFSNGYLASLCMCFGPKKVKPAEAETAG
AIMAFFLCLGLALGAVFSFLFRAIVGTELLQVDTNSLEVLFQ
;
_entity_poly.pdbx_strand_id   A,B
#
# COMPACT_ATOMS: atom_id res chain seq x y z
N PRO A 8 -4.44 25.14 -30.90
CA PRO A 8 -4.76 23.88 -30.21
C PRO A 8 -4.88 22.73 -31.20
N GLN A 9 -3.78 22.03 -31.44
CA GLN A 9 -3.73 20.93 -32.40
C GLN A 9 -3.11 19.72 -31.72
N ASP A 10 -3.95 18.72 -31.43
CA ASP A 10 -3.48 17.47 -30.83
C ASP A 10 -2.90 16.59 -31.94
N ARG A 11 -1.68 16.93 -32.35
CA ARG A 11 -1.01 16.19 -33.41
C ARG A 11 -0.99 14.70 -33.07
N TYR A 12 -1.23 13.88 -34.09
CA TYR A 12 -1.31 12.43 -33.94
C TYR A 12 -2.31 12.01 -32.87
N LYS A 13 -3.20 12.93 -32.47
CA LYS A 13 -4.13 12.71 -31.35
C LYS A 13 -3.39 12.25 -30.09
N ALA A 14 -2.08 12.51 -30.04
CA ALA A 14 -1.23 11.98 -28.97
C ALA A 14 -1.89 12.08 -27.61
N VAL A 15 -2.07 13.32 -27.13
CA VAL A 15 -2.67 13.53 -25.81
C VAL A 15 -3.91 12.66 -25.65
N TRP A 16 -4.85 12.76 -26.59
CA TRP A 16 -6.06 11.95 -26.53
C TRP A 16 -5.70 10.49 -26.27
N LEU A 17 -4.90 9.90 -27.16
CA LEU A 17 -4.43 8.53 -26.99
C LEU A 17 -3.98 8.30 -25.55
N ILE A 18 -3.04 9.12 -25.07
CA ILE A 18 -2.52 8.94 -23.72
C ILE A 18 -3.66 8.87 -22.72
N PHE A 19 -4.56 9.86 -22.78
CA PHE A 19 -5.68 9.87 -21.84
C PHE A 19 -6.46 8.57 -21.93
N PHE A 20 -6.76 8.12 -23.16
CA PHE A 20 -7.39 6.81 -23.33
C PHE A 20 -6.64 5.75 -22.54
N MET A 21 -5.33 5.62 -22.81
CA MET A 21 -4.51 4.68 -22.06
C MET A 21 -4.72 4.85 -20.57
N LEU A 22 -4.65 6.10 -20.09
CA LEU A 22 -4.85 6.36 -18.67
C LEU A 22 -6.15 5.74 -18.18
N GLY A 23 -7.25 5.99 -18.90
CA GLY A 23 -8.50 5.37 -18.53
C GLY A 23 -8.38 3.87 -18.46
N LEU A 24 -7.78 3.26 -19.48
CA LEU A 24 -7.55 1.83 -19.47
C LEU A 24 -6.88 1.39 -18.17
N GLY A 25 -5.90 2.17 -17.71
CA GLY A 25 -5.14 1.79 -16.54
C GLY A 25 -5.89 1.92 -15.22
N THR A 26 -7.02 2.63 -15.21
CA THR A 26 -7.74 2.82 -13.96
C THR A 26 -8.62 1.63 -13.62
N LEU A 27 -9.16 0.95 -14.64
CA LEU A 27 -10.03 -0.19 -14.39
C LEU A 27 -9.41 -1.53 -14.78
N LEU A 28 -8.44 -1.55 -15.70
CA LEU A 28 -7.85 -2.83 -16.09
C LEU A 28 -7.20 -3.54 -14.93
N PRO A 29 -6.46 -2.87 -14.03
CA PRO A 29 -5.93 -3.60 -12.86
C PRO A 29 -7.06 -4.12 -11.99
N TRP A 30 -7.98 -3.27 -11.57
CA TRP A 30 -9.03 -3.72 -10.64
C TRP A 30 -10.02 -4.65 -11.32
N ASN A 31 -10.36 -4.37 -12.58
CA ASN A 31 -11.28 -5.26 -13.28
C ASN A 31 -10.75 -6.69 -13.26
N PHE A 32 -9.46 -6.87 -13.55
CA PHE A 32 -8.87 -8.20 -13.48
C PHE A 32 -9.01 -8.79 -12.09
N PHE A 33 -8.82 -7.96 -11.06
CA PHE A 33 -9.00 -8.43 -9.69
C PHE A 33 -10.41 -8.97 -9.47
N MET A 34 -11.40 -8.39 -10.16
CA MET A 34 -12.76 -8.90 -10.07
C MET A 34 -12.98 -10.13 -10.93
N THR A 35 -12.17 -10.32 -11.97
CA THR A 35 -12.26 -11.53 -12.79
C THR A 35 -11.66 -12.74 -12.09
N ALA A 36 -10.81 -12.54 -11.08
CA ALA A 36 -10.16 -13.61 -10.36
C ALA A 36 -10.91 -14.01 -9.10
N THR A 37 -12.19 -13.64 -8.97
CA THR A 37 -12.94 -13.99 -7.78
C THR A 37 -13.07 -15.49 -7.61
N GLN A 38 -13.27 -16.21 -8.72
CA GLN A 38 -13.34 -17.67 -8.66
C GLN A 38 -12.08 -18.24 -8.02
N TYR A 39 -10.92 -17.70 -8.39
CA TYR A 39 -9.66 -18.20 -7.83
C TYR A 39 -9.57 -17.94 -6.34
N PHE A 40 -9.92 -16.71 -5.91
CA PHE A 40 -9.90 -16.41 -4.48
C PHE A 40 -10.81 -17.35 -3.70
N THR A 41 -12.05 -17.51 -4.18
CA THR A 41 -13.01 -18.36 -3.47
C THR A 41 -12.55 -19.81 -3.45
N ASN A 42 -11.93 -20.28 -4.54
CA ASN A 42 -11.47 -21.66 -4.60
C ASN A 42 -10.27 -21.88 -3.69
N ARG A 43 -9.39 -20.89 -3.56
CA ARG A 43 -8.27 -21.02 -2.65
C ARG A 43 -8.72 -20.93 -1.20
N LEU A 44 -9.78 -20.17 -0.92
CA LEU A 44 -10.30 -20.10 0.43
C LEU A 44 -11.08 -21.35 0.80
N ASP A 45 -11.71 -22.00 -0.18
CA ASP A 45 -12.37 -23.27 0.08
C ASP A 45 -11.43 -24.25 0.76
N MET A 46 -10.16 -24.24 0.37
CA MET A 46 -9.17 -25.13 0.96
C MET A 46 -8.89 -24.73 2.40
N ASN A 75 -20.86 -18.15 6.38
CA ASN A 75 -20.05 -18.39 7.56
C ASN A 75 -18.57 -18.53 7.19
N SER A 76 -18.28 -19.43 6.25
CA SER A 76 -16.91 -19.64 5.82
C SER A 76 -16.38 -18.39 5.12
N LEU A 77 -15.05 -18.34 4.96
CA LEU A 77 -14.42 -17.17 4.36
C LEU A 77 -14.89 -16.97 2.93
N SER A 78 -15.00 -18.04 2.15
CA SER A 78 -15.43 -17.91 0.77
C SER A 78 -16.86 -17.38 0.69
N ALA A 79 -17.73 -17.81 1.60
CA ALA A 79 -19.13 -17.40 1.57
C ALA A 79 -19.29 -15.91 1.83
N ILE A 80 -18.45 -15.34 2.69
CA ILE A 80 -18.51 -13.92 3.02
C ILE A 80 -17.52 -13.09 2.21
N PHE A 81 -16.75 -13.73 1.32
CA PHE A 81 -15.68 -13.05 0.60
C PHE A 81 -16.22 -11.89 -0.22
N ASN A 82 -17.28 -12.13 -0.99
CA ASN A 82 -17.80 -11.08 -1.88
C ASN A 82 -18.31 -9.88 -1.09
N ASN A 83 -19.05 -10.14 -0.01
CA ASN A 83 -19.57 -9.04 0.80
C ASN A 83 -18.44 -8.23 1.42
N VAL A 84 -17.47 -8.92 2.03
CA VAL A 84 -16.35 -8.21 2.64
C VAL A 84 -15.60 -7.40 1.59
N MET A 85 -15.47 -7.96 0.38
CA MET A 85 -14.74 -7.27 -0.68
C MET A 85 -15.47 -6.01 -1.10
N THR A 86 -16.78 -6.09 -1.31
CA THR A 86 -17.54 -4.90 -1.67
C THR A 86 -17.44 -3.84 -0.59
N LEU A 87 -17.53 -4.25 0.67
CA LEU A 87 -17.37 -3.30 1.77
C LEU A 87 -16.04 -2.58 1.68
N CYS A 88 -14.94 -3.35 1.73
CA CYS A 88 -13.59 -2.80 1.73
C CYS A 88 -13.22 -2.10 0.43
N ALA A 89 -14.01 -2.28 -0.63
CA ALA A 89 -13.73 -1.61 -1.89
C ALA A 89 -14.47 -0.29 -1.99
N MET A 90 -15.76 -0.28 -1.68
CA MET A 90 -16.57 0.92 -1.86
C MET A 90 -16.30 1.94 -0.75
N LEU A 91 -16.05 1.50 0.49
CA LEU A 91 -15.83 2.49 1.55
C LEU A 91 -14.55 3.29 1.32
N PRO A 92 -13.37 2.66 1.15
CA PRO A 92 -12.18 3.48 0.86
C PRO A 92 -12.29 4.25 -0.44
N LEU A 93 -12.84 3.64 -1.49
CA LEU A 93 -13.07 4.36 -2.75
C LEU A 93 -13.82 5.66 -2.48
N LEU A 94 -14.99 5.55 -1.84
CA LEU A 94 -15.82 6.72 -1.57
C LEU A 94 -15.07 7.75 -0.74
N LEU A 95 -14.48 7.33 0.38
CA LEU A 95 -13.81 8.25 1.28
C LEU A 95 -12.69 9.01 0.58
N PHE A 96 -11.83 8.29 -0.14
CA PHE A 96 -10.67 8.92 -0.75
C PHE A 96 -11.05 9.76 -1.97
N THR A 97 -12.09 9.37 -2.72
CA THR A 97 -12.58 10.24 -3.78
C THR A 97 -13.09 11.55 -3.21
N TYR A 98 -13.80 11.49 -2.09
CA TYR A 98 -14.26 12.71 -1.43
C TYR A 98 -13.07 13.58 -1.00
N LEU A 99 -12.09 12.96 -0.32
CA LEU A 99 -10.93 13.72 0.14
C LEU A 99 -10.19 14.35 -1.03
N ASN A 100 -10.13 13.67 -2.17
CA ASN A 100 -9.51 14.27 -3.35
C ASN A 100 -10.34 15.45 -3.85
N SER A 101 -11.66 15.26 -3.99
CA SER A 101 -12.53 16.36 -4.37
C SER A 101 -12.22 17.60 -3.54
N PHE A 102 -11.88 17.41 -2.27
CA PHE A 102 -11.59 18.55 -1.40
C PHE A 102 -10.15 19.06 -1.49
N LEU A 103 -9.17 18.18 -1.70
CA LEU A 103 -7.76 18.54 -1.52
C LEU A 103 -6.90 18.34 -2.75
N HIS A 104 -7.49 18.16 -3.94
CA HIS A 104 -6.68 17.91 -5.12
C HIS A 104 -5.78 19.09 -5.44
N GLN A 105 -6.25 20.31 -5.17
CA GLN A 105 -5.45 21.50 -5.44
C GLN A 105 -4.19 21.53 -4.59
N ARG A 106 -4.19 20.84 -3.45
CA ARG A 106 -3.08 20.94 -2.50
C ARG A 106 -1.88 20.07 -2.89
N ILE A 107 -2.06 19.12 -3.80
CA ILE A 107 -0.98 18.21 -4.19
C ILE A 107 -0.81 18.26 -5.70
N PRO A 108 0.41 18.25 -6.22
CA PRO A 108 0.59 18.23 -7.68
C PRO A 108 -0.06 17.00 -8.28
N GLN A 109 -0.51 17.14 -9.54
CA GLN A 109 -1.15 16.01 -10.20
C GLN A 109 -0.16 14.94 -10.57
N SER A 110 1.07 15.32 -10.92
CA SER A 110 2.12 14.32 -11.14
C SER A 110 2.27 13.43 -9.92
N VAL A 111 2.38 14.04 -8.74
CA VAL A 111 2.52 13.27 -7.51
C VAL A 111 1.36 12.30 -7.36
N ARG A 112 0.14 12.83 -7.31
CA ARG A 112 -1.03 11.99 -7.10
C ARG A 112 -1.05 10.82 -8.09
N ILE A 113 -0.99 11.13 -9.39
CA ILE A 113 -1.14 10.12 -10.43
C ILE A 113 -0.04 9.07 -10.31
N LEU A 114 1.21 9.51 -10.37
CA LEU A 114 2.33 8.56 -10.41
C LEU A 114 2.40 7.73 -9.14
N GLY A 115 2.21 8.36 -7.97
CA GLY A 115 2.26 7.61 -6.72
C GLY A 115 1.15 6.60 -6.61
N SER A 116 -0.08 6.98 -6.98
CA SER A 116 -1.18 6.03 -6.95
C SER A 116 -0.90 4.85 -7.87
N LEU A 117 -0.41 5.13 -9.08
CA LEU A 117 -0.12 4.06 -10.03
C LEU A 117 0.96 3.13 -9.50
N VAL A 118 2.01 3.69 -8.90
CA VAL A 118 3.09 2.86 -8.37
C VAL A 118 2.59 2.01 -7.21
N ALA A 119 1.76 2.58 -6.34
CA ALA A 119 1.21 1.80 -5.24
C ALA A 119 0.36 0.65 -5.76
N ILE A 120 -0.51 0.92 -6.73
CA ILE A 120 -1.33 -0.13 -7.32
C ILE A 120 -0.44 -1.22 -7.92
N LEU A 121 0.62 -0.81 -8.63
CA LEU A 121 1.52 -1.77 -9.25
C LEU A 121 2.18 -2.67 -8.20
N LEU A 122 2.69 -2.07 -7.13
CA LEU A 122 3.33 -2.85 -6.08
C LEU A 122 2.35 -3.82 -5.45
N VAL A 123 1.12 -3.36 -5.19
CA VAL A 123 0.11 -4.22 -4.59
C VAL A 123 -0.20 -5.39 -5.51
N PHE A 124 -0.32 -5.12 -6.81
CA PHE A 124 -0.63 -6.19 -7.75
C PHE A 124 0.52 -7.16 -7.91
N LEU A 125 1.76 -6.67 -7.84
CA LEU A 125 2.91 -7.57 -7.86
C LEU A 125 2.89 -8.49 -6.65
N ILE A 126 2.58 -7.95 -5.47
CA ILE A 126 2.47 -8.78 -4.28
C ILE A 126 1.35 -9.79 -4.45
N THR A 127 0.23 -9.36 -5.05
CA THR A 127 -0.89 -10.27 -5.31
C THR A 127 -0.44 -11.44 -6.18
N ALA A 128 0.30 -11.15 -7.25
CA ALA A 128 0.81 -12.20 -8.11
C ALA A 128 1.74 -13.13 -7.35
N ILE A 129 2.62 -12.58 -6.53
CA ILE A 129 3.55 -13.42 -5.77
C ILE A 129 2.80 -14.39 -4.87
N LEU A 130 1.77 -13.89 -4.17
CA LEU A 130 1.06 -14.74 -3.22
C LEU A 130 0.40 -15.93 -3.88
N VAL A 131 0.22 -15.91 -5.20
CA VAL A 131 -0.37 -17.06 -5.88
C VAL A 131 0.54 -18.27 -5.80
N LYS A 132 1.85 -18.05 -5.73
CA LYS A 132 2.82 -19.14 -5.75
C LYS A 132 3.31 -19.52 -4.36
N VAL A 133 2.89 -18.81 -3.32
CA VAL A 133 3.34 -19.06 -1.96
C VAL A 133 2.22 -19.68 -1.16
N GLN A 134 2.57 -20.63 -0.29
CA GLN A 134 1.58 -21.28 0.56
C GLN A 134 1.15 -20.36 1.69
N LEU A 135 -0.15 -20.34 1.95
CA LEU A 135 -0.71 -19.47 2.99
C LEU A 135 -2.10 -19.97 3.33
N ASP A 136 -2.37 -20.10 4.63
CA ASP A 136 -3.67 -20.59 5.08
C ASP A 136 -4.78 -19.67 4.59
N ALA A 137 -6.02 -20.13 4.79
CA ALA A 137 -7.17 -19.42 4.22
C ALA A 137 -7.40 -18.08 4.90
N LEU A 138 -7.19 -17.99 6.21
CA LEU A 138 -7.52 -16.77 6.94
C LEU A 138 -6.48 -15.68 6.67
N PRO A 139 -5.18 -15.97 6.74
CA PRO A 139 -4.20 -14.94 6.36
C PRO A 139 -4.34 -14.50 4.92
N PHE A 140 -4.62 -15.43 4.01
CA PHE A 140 -4.83 -15.06 2.62
C PHE A 140 -6.05 -14.17 2.46
N PHE A 141 -7.15 -14.52 3.14
CA PHE A 141 -8.35 -13.69 3.13
C PHE A 141 -8.04 -12.28 3.61
N VAL A 142 -7.36 -12.16 4.75
CA VAL A 142 -7.09 -10.85 5.34
C VAL A 142 -6.15 -10.04 4.46
N ILE A 143 -5.09 -10.66 3.95
CA ILE A 143 -4.15 -9.94 3.08
C ILE A 143 -4.84 -9.53 1.79
N THR A 144 -5.74 -10.36 1.27
CA THR A 144 -6.50 -10.01 0.08
C THR A 144 -7.37 -8.79 0.34
N MET A 145 -8.04 -8.74 1.48
CA MET A 145 -8.87 -7.58 1.79
C MET A 145 -8.04 -6.32 2.01
N ILE A 146 -6.84 -6.47 2.60
CA ILE A 146 -5.96 -5.31 2.76
C ILE A 146 -5.53 -4.79 1.39
N LYS A 147 -5.12 -5.70 0.51
CA LYS A 147 -4.73 -5.31 -0.84
C LYS A 147 -5.89 -4.66 -1.56
N ILE A 148 -7.12 -5.13 -1.32
CA ILE A 148 -8.28 -4.54 -1.97
C ILE A 148 -8.52 -3.13 -1.45
N VAL A 149 -8.41 -2.93 -0.13
CA VAL A 149 -8.57 -1.60 0.43
C VAL A 149 -7.55 -0.65 -0.18
N LEU A 150 -6.29 -1.08 -0.26
CA LEU A 150 -5.25 -0.21 -0.80
C LEU A 150 -5.48 0.07 -2.28
N ILE A 151 -5.84 -0.97 -3.05
CA ILE A 151 -6.14 -0.78 -4.46
C ILE A 151 -7.23 0.26 -4.63
N ASN A 152 -8.35 0.08 -3.92
CA ASN A 152 -9.48 0.98 -4.09
C ASN A 152 -9.13 2.39 -3.65
N SER A 153 -8.32 2.54 -2.61
CA SER A 153 -7.96 3.89 -2.15
C SER A 153 -7.07 4.61 -3.15
N PHE A 154 -5.94 3.99 -3.50
CA PHE A 154 -5.02 4.63 -4.43
C PHE A 154 -5.69 4.85 -5.78
N GLY A 155 -6.53 3.90 -6.21
CA GLY A 155 -7.24 4.06 -7.46
C GLY A 155 -8.35 5.09 -7.38
N ALA A 156 -8.92 5.29 -6.20
CA ALA A 156 -9.84 6.40 -6.00
C ALA A 156 -9.15 7.71 -6.27
N ILE A 157 -8.00 7.93 -5.63
CA ILE A 157 -7.26 9.17 -5.86
C ILE A 157 -6.84 9.28 -7.31
N LEU A 158 -6.39 8.17 -7.91
CA LEU A 158 -5.92 8.21 -9.29
C LEU A 158 -7.05 8.56 -10.24
N GLN A 159 -8.19 7.87 -10.13
CA GLN A 159 -9.35 8.16 -10.96
C GLN A 159 -9.79 9.62 -10.80
N GLY A 160 -9.93 10.06 -9.54
CA GLY A 160 -10.37 11.42 -9.32
C GLY A 160 -9.42 12.43 -9.94
N SER A 161 -8.12 12.20 -9.77
CA SER A 161 -7.14 13.11 -10.34
C SER A 161 -7.22 13.10 -11.85
N LEU A 162 -7.43 11.93 -12.45
CA LEU A 162 -7.52 11.85 -13.90
C LEU A 162 -8.72 12.65 -14.41
N PHE A 163 -9.87 12.52 -13.75
CA PHE A 163 -11.05 13.25 -14.22
C PHE A 163 -10.94 14.74 -13.95
N GLY A 164 -10.27 15.13 -12.86
CA GLY A 164 -10.00 16.55 -12.66
C GLY A 164 -9.11 17.11 -13.74
N LEU A 165 -8.09 16.34 -14.15
CA LEU A 165 -7.21 16.77 -15.23
C LEU A 165 -8.00 16.92 -16.54
N ALA A 166 -8.67 15.84 -16.96
CA ALA A 166 -9.43 15.88 -18.21
C ALA A 166 -10.48 16.99 -18.21
N GLY A 167 -10.91 17.46 -17.04
CA GLY A 167 -11.85 18.56 -16.99
C GLY A 167 -11.30 19.83 -17.62
N LEU A 168 -9.97 20.02 -17.57
CA LEU A 168 -9.35 21.18 -18.19
C LEU A 168 -9.36 21.06 -19.70
N PHE A 169 -9.30 19.84 -20.23
CA PHE A 169 -9.23 19.60 -21.67
C PHE A 169 -10.63 19.54 -22.25
N PRO A 170 -10.74 19.57 -23.58
CA PRO A 170 -12.07 19.46 -24.21
C PRO A 170 -12.79 18.19 -23.77
N ALA A 171 -14.12 18.24 -23.90
CA ALA A 171 -14.95 17.11 -23.50
C ALA A 171 -14.49 15.80 -24.12
N SER A 172 -13.99 15.86 -25.35
CA SER A 172 -13.49 14.66 -26.01
C SER A 172 -12.45 13.96 -25.16
N TYR A 173 -11.70 14.70 -24.36
CA TYR A 173 -10.62 14.10 -23.58
C TYR A 173 -11.08 13.50 -22.26
N THR A 174 -12.30 13.83 -21.80
CA THR A 174 -12.93 13.05 -20.76
C THR A 174 -13.59 11.80 -21.35
N ALA A 175 -14.20 11.96 -22.53
CA ALA A 175 -14.67 10.80 -23.27
C ALA A 175 -13.54 9.80 -23.52
N ALA A 176 -12.32 10.30 -23.66
CA ALA A 176 -11.16 9.41 -23.84
C ALA A 176 -10.96 8.52 -22.62
N ILE A 177 -11.00 9.11 -21.42
CA ILE A 177 -10.87 8.31 -20.20
C ILE A 177 -11.99 7.28 -20.13
N MET A 178 -13.22 7.70 -20.44
CA MET A 178 -14.34 6.76 -20.38
C MET A 178 -14.14 5.61 -21.37
N SER A 179 -13.65 5.92 -22.58
CA SER A 179 -13.39 4.88 -23.57
C SER A 179 -12.32 3.91 -23.08
N GLY A 180 -11.27 4.43 -22.45
CA GLY A 180 -10.26 3.55 -21.90
C GLY A 180 -10.82 2.60 -20.85
N GLN A 181 -11.70 3.12 -19.99
CA GLN A 181 -12.36 2.26 -19.01
C GLN A 181 -13.19 1.18 -19.69
N GLY A 182 -13.93 1.55 -20.75
CA GLY A 182 -14.70 0.56 -21.48
C GLY A 182 -13.82 -0.53 -22.06
N LEU A 183 -12.66 -0.15 -22.62
CA LEU A 183 -11.76 -1.16 -23.16
C LEU A 183 -11.20 -2.05 -22.06
N ALA A 184 -10.95 -1.48 -20.87
CA ALA A 184 -10.54 -2.30 -19.74
C ALA A 184 -11.58 -3.38 -19.48
N GLY A 185 -12.86 -2.99 -19.42
CA GLY A 185 -13.91 -3.97 -19.22
C GLY A 185 -13.96 -5.03 -20.31
N PHE A 186 -13.80 -4.60 -21.57
CA PHE A 186 -13.80 -5.53 -22.69
C PHE A 186 -12.68 -6.56 -22.54
N PHE A 187 -11.47 -6.10 -22.26
CA PHE A 187 -10.35 -7.02 -22.05
C PHE A 187 -10.64 -7.97 -20.91
N ALA A 188 -11.24 -7.48 -19.83
CA ALA A 188 -11.57 -8.35 -18.71
C ALA A 188 -12.49 -9.49 -19.15
N SER A 189 -13.54 -9.15 -19.90
CA SER A 189 -14.48 -10.17 -20.36
C SER A 189 -13.78 -11.20 -21.25
N VAL A 190 -12.99 -10.73 -22.22
CA VAL A 190 -12.32 -11.65 -23.12
C VAL A 190 -11.37 -12.56 -22.34
N ALA A 191 -10.67 -12.00 -21.34
CA ALA A 191 -9.75 -12.80 -20.54
C ALA A 191 -10.50 -13.87 -19.75
N MET A 192 -11.68 -13.52 -19.22
CA MET A 192 -12.48 -14.52 -18.52
C MET A 192 -12.83 -15.67 -19.45
N ILE A 193 -13.35 -15.34 -20.65
CA ILE A 193 -13.74 -16.41 -21.58
C ILE A 193 -12.55 -17.29 -21.92
N CYS A 194 -11.39 -16.68 -22.16
CA CYS A 194 -10.21 -17.46 -22.54
C CYS A 194 -9.70 -18.32 -21.38
N ALA A 195 -9.78 -17.80 -20.15
CA ALA A 195 -9.38 -18.59 -19.00
C ALA A 195 -10.26 -19.81 -18.84
N ILE A 196 -11.56 -19.66 -19.12
CA ILE A 196 -12.45 -20.82 -19.07
C ILE A 196 -12.13 -21.78 -20.21
N ALA A 197 -11.88 -21.25 -21.41
CA ALA A 197 -11.65 -22.11 -22.57
C ALA A 197 -10.29 -22.77 -22.51
N SER A 198 -9.25 -22.03 -22.09
CA SER A 198 -7.91 -22.58 -22.06
C SER A 198 -7.79 -23.81 -21.16
N GLY A 199 -8.79 -24.04 -20.30
CA GLY A 199 -8.72 -25.18 -19.40
C GLY A 199 -7.59 -25.11 -18.40
N SER A 200 -7.06 -23.91 -18.16
CA SER A 200 -5.94 -23.75 -17.24
C SER A 200 -6.44 -23.71 -15.80
N GLU A 201 -5.51 -23.94 -14.88
CA GLU A 201 -5.84 -23.88 -13.45
C GLU A 201 -6.19 -22.44 -13.07
N LEU A 202 -7.17 -22.31 -12.17
CA LEU A 202 -7.57 -20.99 -11.72
C LEU A 202 -6.38 -20.21 -11.17
N SER A 203 -5.46 -20.89 -10.48
CA SER A 203 -4.27 -20.22 -9.99
C SER A 203 -3.40 -19.71 -11.14
N GLU A 204 -3.24 -20.51 -12.20
CA GLU A 204 -2.43 -20.09 -13.33
C GLU A 204 -3.06 -18.91 -14.05
N SER A 205 -4.37 -18.99 -14.33
CA SER A 205 -5.04 -17.90 -15.03
C SER A 205 -5.05 -16.63 -14.19
N ALA A 206 -5.16 -16.77 -12.86
CA ALA A 206 -5.14 -15.60 -11.99
C ALA A 206 -3.75 -14.98 -11.94
N PHE A 207 -2.71 -15.82 -11.91
CA PHE A 207 -1.34 -15.34 -12.02
C PHE A 207 -1.17 -14.53 -13.30
N GLY A 208 -1.68 -15.07 -14.42
CA GLY A 208 -1.62 -14.34 -15.68
C GLY A 208 -2.36 -13.01 -15.61
N TYR A 209 -3.55 -13.01 -15.01
CA TYR A 209 -4.31 -11.77 -14.83
C TYR A 209 -3.47 -10.72 -14.09
N PHE A 210 -2.89 -11.11 -12.96
CA PHE A 210 -2.15 -10.16 -12.14
C PHE A 210 -0.93 -9.63 -12.88
N ILE A 211 -0.20 -10.52 -13.58
CA ILE A 211 0.97 -10.07 -14.32
C ILE A 211 0.58 -9.12 -15.45
N THR A 212 -0.54 -9.42 -16.13
CA THR A 212 -1.01 -8.53 -17.18
C THR A 212 -1.38 -7.16 -16.61
N ALA A 213 -2.03 -7.14 -15.45
CA ALA A 213 -2.37 -5.88 -14.82
C ALA A 213 -1.12 -5.08 -14.46
N CYS A 214 -0.09 -5.76 -13.94
CA CYS A 214 1.15 -5.07 -13.62
C CYS A 214 1.77 -4.47 -14.88
N ALA A 215 1.85 -5.25 -15.96
CA ALA A 215 2.40 -4.73 -17.21
C ALA A 215 1.60 -3.54 -17.71
N VAL A 216 0.27 -3.59 -17.57
CA VAL A 216 -0.55 -2.49 -18.02
C VAL A 216 -0.29 -1.25 -17.19
N ILE A 217 -0.10 -1.41 -15.88
CA ILE A 217 0.18 -0.26 -15.03
C ILE A 217 1.52 0.36 -15.41
N ILE A 218 2.51 -0.47 -15.70
CA ILE A 218 3.80 0.04 -16.16
C ILE A 218 3.62 0.85 -17.45
N LEU A 219 2.89 0.28 -18.40
CA LEU A 219 2.63 0.97 -19.66
C LEU A 219 1.92 2.30 -19.42
N THR A 220 0.97 2.32 -18.49
CA THR A 220 0.22 3.54 -18.20
C THR A 220 1.13 4.61 -17.61
N ILE A 221 2.01 4.22 -16.69
CA ILE A 221 2.99 5.15 -16.14
C ILE A 221 3.83 5.75 -17.27
N ILE A 222 4.33 4.89 -18.15
CA ILE A 222 5.14 5.37 -19.28
C ILE A 222 4.35 6.38 -20.11
N CYS A 223 3.09 6.04 -20.41
CA CYS A 223 2.25 6.93 -21.21
C CYS A 223 2.10 8.29 -20.54
N TYR A 224 1.82 8.29 -19.25
CA TYR A 224 1.68 9.57 -18.54
C TYR A 224 2.97 10.38 -18.62
N LEU A 225 4.11 9.75 -18.35
CA LEU A 225 5.37 10.47 -18.38
C LEU A 225 5.64 11.13 -19.72
N GLY A 226 5.03 10.63 -20.80
CA GLY A 226 5.20 11.22 -22.11
C GLY A 226 4.27 12.37 -22.44
N LEU A 227 3.60 12.94 -21.43
CA LEU A 227 2.64 14.00 -21.67
C LEU A 227 3.31 15.37 -21.75
N PRO A 228 4.19 15.73 -20.78
CA PRO A 228 4.76 17.08 -20.79
C PRO A 228 5.43 17.46 -22.11
N ARG A 229 5.86 16.46 -22.89
CA ARG A 229 6.54 16.71 -24.15
C ARG A 229 5.58 16.98 -25.30
N LEU A 230 4.29 17.14 -25.03
CA LEU A 230 3.29 17.39 -26.06
C LEU A 230 2.76 18.80 -25.88
N GLU A 231 2.93 19.64 -26.91
CA GLU A 231 2.53 21.03 -26.79
C GLU A 231 1.02 21.18 -26.63
N PHE A 232 0.24 20.23 -27.15
CA PHE A 232 -1.20 20.26 -26.91
C PHE A 232 -1.51 20.03 -25.43
N TYR A 233 -0.71 19.21 -24.76
CA TYR A 233 -0.90 18.99 -23.33
C TYR A 233 -0.49 20.19 -22.51
N ARG A 234 0.53 20.93 -22.96
CA ARG A 234 0.95 22.15 -22.27
C ARG A 234 0.11 23.36 -22.62
N TYR A 235 -0.69 23.29 -23.69
CA TYR A 235 -1.57 24.39 -24.03
C TYR A 235 -2.76 24.45 -23.08
N TYR A 236 -3.30 23.29 -22.70
CA TYR A 236 -4.41 23.23 -21.76
C TYR A 236 -3.96 23.08 -20.32
N GLN A 237 -2.72 22.66 -20.09
CA GLN A 237 -2.13 22.68 -18.75
C GLN A 237 -1.61 24.06 -18.37
N GLN A 238 -1.91 25.09 -19.15
CA GLN A 238 -1.44 26.44 -18.89
C GLN A 238 -2.62 27.37 -18.62
N SER A 250 -15.40 27.72 -3.60
CA SER A 250 -16.42 27.09 -2.77
C SER A 250 -16.94 25.81 -3.43
N ILE A 251 -16.72 24.68 -2.76
CA ILE A 251 -17.18 23.40 -3.30
C ILE A 251 -18.70 23.37 -3.40
N LYS A 252 -19.38 23.99 -2.44
CA LYS A 252 -20.83 24.06 -2.50
C LYS A 252 -21.31 24.71 -3.80
N ALA A 253 -20.64 25.78 -4.22
CA ALA A 253 -21.04 26.48 -5.44
C ALA A 253 -20.80 25.61 -6.67
N ILE A 254 -19.60 25.05 -6.80
CA ILE A 254 -19.31 24.19 -7.94
C ILE A 254 -20.30 23.05 -8.01
N LEU A 255 -20.66 22.48 -6.85
CA LEU A 255 -21.62 21.38 -6.84
C LEU A 255 -23.01 21.85 -7.24
N LYS A 256 -23.41 23.04 -6.78
CA LYS A 256 -24.72 23.57 -7.16
C LYS A 256 -24.79 23.83 -8.66
N LYS A 257 -23.66 24.16 -9.29
CA LYS A 257 -23.67 24.42 -10.73
C LYS A 257 -23.76 23.13 -11.53
N ILE A 258 -23.09 22.07 -11.10
CA ILE A 258 -23.11 20.79 -11.78
C ILE A 258 -23.98 19.77 -11.04
N SER A 259 -24.88 20.24 -10.18
CA SER A 259 -25.69 19.32 -9.38
C SER A 259 -26.49 18.37 -10.28
N VAL A 260 -27.05 18.89 -11.37
CA VAL A 260 -27.89 18.06 -12.24
C VAL A 260 -27.07 16.89 -12.80
N LEU A 261 -25.96 17.20 -13.47
CA LEU A 261 -25.16 16.15 -14.09
C LEU A 261 -24.53 15.22 -13.05
N ALA A 262 -24.15 15.76 -11.90
CA ALA A 262 -23.59 14.92 -10.84
C ALA A 262 -24.62 13.89 -10.36
N PHE A 263 -25.80 14.36 -9.97
CA PHE A 263 -26.86 13.43 -9.58
C PHE A 263 -27.20 12.48 -10.72
N SER A 264 -27.07 12.95 -11.97
CA SER A 264 -27.37 12.10 -13.12
C SER A 264 -26.42 10.91 -13.16
N VAL A 265 -25.11 11.16 -13.10
CA VAL A 265 -24.15 10.06 -13.17
C VAL A 265 -24.30 9.16 -11.94
N CYS A 266 -24.54 9.76 -10.77
CA CYS A 266 -24.75 8.96 -9.57
C CYS A 266 -25.92 7.99 -9.77
N PHE A 267 -27.03 8.48 -10.33
CA PHE A 267 -28.20 7.64 -10.54
C PHE A 267 -27.93 6.57 -11.60
N ILE A 268 -27.23 6.95 -12.67
CA ILE A 268 -26.87 5.97 -13.71
C ILE A 268 -26.18 4.78 -13.06
N PHE A 269 -25.13 5.05 -12.29
CA PHE A 269 -24.37 3.93 -11.74
C PHE A 269 -25.08 3.26 -10.59
N THR A 270 -25.94 3.98 -9.86
CA THR A 270 -26.82 3.33 -8.89
C THR A 270 -27.62 2.22 -9.57
N ILE A 271 -28.35 2.58 -10.62
CA ILE A 271 -29.14 1.59 -11.35
C ILE A 271 -28.23 0.47 -11.85
N THR A 272 -27.14 0.83 -12.54
CA THR A 272 -26.31 -0.16 -13.20
C THR A 272 -25.76 -1.17 -12.20
N ILE A 273 -25.14 -0.71 -11.12
CA ILE A 273 -24.57 -1.62 -10.14
C ILE A 273 -25.64 -2.33 -9.34
N GLY A 274 -26.84 -1.76 -9.23
CA GLY A 274 -27.93 -2.49 -8.62
C GLY A 274 -28.39 -3.66 -9.45
N MET A 275 -28.27 -3.55 -10.77
CA MET A 275 -28.67 -4.63 -11.67
C MET A 275 -27.49 -5.49 -12.13
N PHE A 276 -26.30 -4.91 -12.26
CA PHE A 276 -25.18 -5.58 -12.88
C PHE A 276 -23.99 -5.61 -11.93
N PRO A 277 -23.34 -6.76 -11.71
CA PRO A 277 -23.59 -8.11 -12.24
C PRO A 277 -24.38 -9.01 -11.29
N ALA A 278 -24.65 -8.53 -10.07
CA ALA A 278 -25.24 -9.38 -9.04
C ALA A 278 -26.51 -10.07 -9.52
N VAL A 279 -27.41 -9.32 -10.16
CA VAL A 279 -28.70 -9.86 -10.56
C VAL A 279 -28.62 -10.55 -11.93
N THR A 280 -27.90 -9.96 -12.87
CA THR A 280 -27.90 -10.48 -14.24
C THR A 280 -27.25 -11.85 -14.33
N VAL A 281 -26.27 -12.15 -13.46
CA VAL A 281 -25.59 -13.45 -13.53
C VAL A 281 -26.49 -14.60 -13.13
N GLU A 282 -27.66 -14.32 -12.55
CA GLU A 282 -28.60 -15.36 -12.16
C GLU A 282 -29.49 -15.83 -13.30
N VAL A 283 -29.28 -15.31 -14.51
CA VAL A 283 -30.09 -15.68 -15.66
C VAL A 283 -29.60 -17.00 -16.23
N LYS A 284 -30.53 -17.82 -16.72
CA LYS A 284 -30.20 -19.11 -17.30
C LYS A 284 -30.79 -19.20 -18.70
N SER A 285 -30.13 -19.97 -19.56
CA SER A 285 -30.60 -20.13 -20.93
C SER A 285 -31.95 -20.82 -20.95
N SER A 286 -32.74 -20.52 -21.98
CA SER A 286 -34.04 -21.13 -22.17
C SER A 286 -34.15 -21.79 -23.54
N ARG A 295 -22.05 -22.98 -19.19
CA ARG A 295 -20.83 -22.37 -18.67
C ARG A 295 -20.41 -21.17 -19.51
N TYR A 296 -20.87 -21.14 -20.76
CA TYR A 296 -20.57 -20.03 -21.67
C TYR A 296 -21.78 -19.16 -21.98
N PHE A 297 -22.97 -19.50 -21.50
CA PHE A 297 -24.12 -18.63 -21.72
C PHE A 297 -24.02 -17.36 -20.88
N ILE A 298 -23.80 -17.52 -19.58
CA ILE A 298 -23.78 -16.37 -18.67
C ILE A 298 -22.64 -15.45 -19.06
N PRO A 299 -21.38 -15.92 -19.09
CA PRO A 299 -20.29 -14.99 -19.43
C PRO A 299 -20.54 -14.23 -20.71
N VAL A 300 -20.82 -14.93 -21.81
CA VAL A 300 -20.91 -14.30 -23.12
C VAL A 300 -22.13 -13.38 -23.19
N SER A 301 -23.28 -13.83 -22.68
CA SER A 301 -24.50 -13.06 -22.84
C SER A 301 -24.57 -11.88 -21.87
N CYS A 302 -23.89 -11.97 -20.73
CA CYS A 302 -23.95 -10.92 -19.73
C CYS A 302 -22.71 -10.03 -19.82
N PHE A 303 -21.54 -10.57 -19.44
CA PHE A 303 -20.36 -9.72 -19.31
C PHE A 303 -19.87 -9.24 -20.66
N LEU A 304 -19.80 -10.14 -21.65
CA LEU A 304 -19.31 -9.74 -22.96
C LEU A 304 -20.23 -8.70 -23.58
N THR A 305 -21.54 -8.96 -23.58
CA THR A 305 -22.49 -8.01 -24.17
C THR A 305 -22.40 -6.66 -23.45
N PHE A 306 -22.44 -6.68 -22.11
CA PHE A 306 -22.41 -5.43 -21.36
C PHE A 306 -21.13 -4.66 -21.66
N ASN A 307 -19.98 -5.33 -21.58
CA ASN A 307 -18.71 -4.62 -21.78
C ASN A 307 -18.61 -4.09 -23.21
N ILE A 308 -19.02 -4.88 -24.20
CA ILE A 308 -18.96 -4.41 -25.58
C ILE A 308 -19.80 -3.15 -25.74
N PHE A 309 -21.09 -3.22 -25.39
CA PHE A 309 -21.96 -2.08 -25.67
C PHE A 309 -21.64 -0.89 -24.78
N ASP A 310 -21.22 -1.12 -23.54
CA ASP A 310 -20.81 -0.04 -22.66
C ASP A 310 -19.56 0.65 -23.19
N TRP A 311 -18.59 -0.13 -23.67
CA TRP A 311 -17.37 0.44 -24.24
C TRP A 311 -17.70 1.26 -25.49
N LEU A 312 -18.55 0.72 -26.36
CA LEU A 312 -18.88 1.45 -27.59
C LEU A 312 -19.68 2.72 -27.28
N GLY A 313 -20.57 2.66 -26.28
CA GLY A 313 -21.28 3.86 -25.88
C GLY A 313 -20.35 4.92 -25.31
N ARG A 314 -19.49 4.52 -24.36
CA ARG A 314 -18.48 5.43 -23.82
C ARG A 314 -17.62 6.03 -24.93
N SER A 315 -17.36 5.26 -25.99
CA SER A 315 -16.53 5.76 -27.08
C SER A 315 -17.29 6.78 -27.93
N LEU A 316 -18.57 6.51 -28.22
CA LEU A 316 -19.33 7.38 -29.10
C LEU A 316 -19.32 8.83 -28.61
N THR A 317 -19.23 9.05 -27.29
CA THR A 317 -19.22 10.40 -26.76
C THR A 317 -17.99 11.20 -27.19
N ALA A 318 -16.98 10.55 -27.76
CA ALA A 318 -15.81 11.27 -28.23
C ALA A 318 -16.11 12.07 -29.49
N VAL A 319 -16.88 11.49 -30.42
CA VAL A 319 -17.17 12.11 -31.69
C VAL A 319 -18.61 12.63 -31.77
N PHE A 320 -19.54 12.06 -31.02
CA PHE A 320 -20.95 12.42 -31.07
C PHE A 320 -21.43 12.70 -29.66
N MET A 321 -21.82 13.96 -29.39
CA MET A 321 -22.23 14.39 -28.06
C MET A 321 -23.63 15.04 -28.15
N TRP A 322 -24.63 14.21 -28.41
CA TRP A 322 -26.04 14.57 -28.35
C TRP A 322 -26.64 14.02 -27.07
N PRO A 323 -27.58 14.73 -26.39
CA PRO A 323 -28.23 16.00 -26.72
C PRO A 323 -27.50 17.25 -26.28
N GLY A 324 -26.28 17.10 -25.77
CA GLY A 324 -25.50 18.25 -25.34
C GLY A 324 -25.44 18.37 -23.83
N LYS A 325 -24.87 19.50 -23.39
CA LYS A 325 -24.62 19.74 -21.98
C LYS A 325 -25.75 20.48 -21.29
N ASP A 326 -26.52 21.29 -22.03
CA ASP A 326 -27.61 22.06 -21.46
C ASP A 326 -28.98 21.49 -21.78
N SER A 327 -29.04 20.36 -22.48
CA SER A 327 -30.32 19.77 -22.84
C SER A 327 -30.89 18.99 -21.67
N ARG A 328 -32.15 19.26 -21.35
CA ARG A 328 -32.84 18.54 -20.29
C ARG A 328 -33.17 17.10 -20.69
N TRP A 329 -32.85 16.69 -21.91
CA TRP A 329 -33.06 15.32 -22.34
C TRP A 329 -32.07 14.36 -21.69
N LEU A 330 -30.90 14.85 -21.27
CA LEU A 330 -29.90 13.96 -20.68
C LEU A 330 -30.38 13.42 -19.34
N PRO A 331 -30.79 14.25 -18.36
CA PRO A 331 -31.37 13.68 -17.14
C PRO A 331 -32.62 12.88 -17.41
N SER A 332 -33.38 13.24 -18.45
CA SER A 332 -34.59 12.50 -18.77
C SER A 332 -34.26 11.06 -19.18
N LEU A 333 -33.26 10.88 -20.02
CA LEU A 333 -32.84 9.53 -20.40
C LEU A 333 -32.26 8.80 -19.20
N VAL A 334 -31.47 9.50 -18.38
CA VAL A 334 -30.92 8.87 -17.17
C VAL A 334 -32.07 8.30 -16.32
N LEU A 335 -33.13 9.09 -16.16
CA LEU A 335 -34.28 8.61 -15.39
C LEU A 335 -34.99 7.46 -16.10
N ALA A 336 -35.18 7.58 -17.42
CA ALA A 336 -35.84 6.51 -18.17
C ALA A 336 -35.13 5.18 -17.99
N ARG A 337 -33.81 5.21 -17.75
CA ARG A 337 -33.08 3.96 -17.52
C ARG A 337 -33.71 3.13 -16.39
N LEU A 338 -34.56 3.72 -15.56
CA LEU A 338 -35.21 2.96 -14.49
C LEU A 338 -35.95 1.76 -15.04
N VAL A 339 -36.46 1.83 -16.26
CA VAL A 339 -37.27 0.76 -16.83
C VAL A 339 -36.51 -0.56 -16.88
N PHE A 340 -35.18 -0.53 -16.78
CA PHE A 340 -34.41 -1.75 -16.85
C PHE A 340 -34.52 -2.58 -15.58
N VAL A 341 -34.98 -2.01 -14.48
CA VAL A 341 -35.12 -2.76 -13.23
C VAL A 341 -36.23 -3.80 -13.42
N PRO A 342 -37.47 -3.42 -13.75
CA PRO A 342 -38.48 -4.46 -14.03
C PRO A 342 -38.09 -5.37 -15.18
N LEU A 343 -37.70 -4.79 -16.32
CA LEU A 343 -37.35 -5.57 -17.49
C LEU A 343 -36.36 -6.67 -17.14
N LEU A 344 -35.20 -6.28 -16.60
CA LEU A 344 -34.14 -7.25 -16.33
C LEU A 344 -34.51 -8.18 -15.20
N LEU A 345 -35.29 -7.71 -14.21
CA LEU A 345 -35.69 -8.59 -13.11
C LEU A 345 -36.69 -9.64 -13.55
N LEU A 346 -37.41 -9.41 -14.64
CA LEU A 346 -38.42 -10.35 -15.12
C LEU A 346 -37.95 -11.22 -16.27
N CYS A 347 -36.64 -11.34 -16.46
CA CYS A 347 -36.08 -12.23 -17.46
C CYS A 347 -35.95 -13.64 -16.86
N ASN A 348 -35.28 -14.54 -17.57
CA ASN A 348 -35.22 -15.95 -17.18
C ASN A 348 -34.18 -16.15 -16.08
N ILE A 349 -34.51 -15.67 -14.89
CA ILE A 349 -33.69 -15.93 -13.71
C ILE A 349 -34.09 -17.28 -13.14
N LYS A 350 -33.09 -18.05 -12.71
CA LYS A 350 -33.33 -19.34 -12.08
C LYS A 350 -32.21 -19.62 -11.09
N PRO A 351 -32.52 -20.16 -9.90
CA PRO A 351 -33.87 -20.53 -9.43
C PRO A 351 -34.70 -19.32 -9.03
N ARG A 352 -35.89 -19.18 -9.63
CA ARG A 352 -36.78 -18.08 -9.33
C ARG A 352 -37.77 -18.50 -8.26
N ARG A 353 -38.03 -17.60 -7.31
CA ARG A 353 -38.90 -17.88 -6.18
C ARG A 353 -40.04 -16.87 -6.08
N TYR A 354 -39.74 -15.59 -5.92
CA TYR A 354 -40.76 -14.58 -5.62
C TYR A 354 -41.29 -13.86 -6.85
N LEU A 355 -40.62 -13.98 -8.01
CA LEU A 355 -41.04 -13.29 -9.22
C LEU A 355 -41.06 -14.25 -10.39
N THR A 356 -41.88 -13.92 -11.39
CA THR A 356 -42.07 -14.76 -12.57
C THR A 356 -41.02 -14.43 -13.62
N VAL A 357 -41.14 -15.08 -14.78
CA VAL A 357 -40.27 -14.86 -15.92
C VAL A 357 -41.16 -14.42 -17.07
N VAL A 358 -41.26 -13.11 -17.29
CA VAL A 358 -42.05 -12.60 -18.39
C VAL A 358 -41.28 -12.70 -19.71
N PHE A 359 -39.97 -12.54 -19.67
CA PHE A 359 -39.12 -12.57 -20.86
C PHE A 359 -38.21 -13.79 -20.74
N GLU A 360 -38.71 -14.94 -21.19
CA GLU A 360 -37.97 -16.19 -21.02
C GLU A 360 -36.92 -16.38 -22.11
N HIS A 361 -37.25 -16.03 -23.35
CA HIS A 361 -36.30 -16.22 -24.44
C HIS A 361 -35.05 -15.40 -24.21
N ASP A 362 -33.90 -15.98 -24.53
CA ASP A 362 -32.62 -15.30 -24.30
C ASP A 362 -32.49 -14.03 -25.13
N ALA A 363 -33.22 -13.93 -26.23
CA ALA A 363 -33.14 -12.73 -27.06
C ALA A 363 -33.53 -11.48 -26.28
N TRP A 364 -34.58 -11.59 -25.45
CA TRP A 364 -34.97 -10.48 -24.59
C TRP A 364 -33.81 -10.07 -23.69
N PHE A 365 -33.16 -11.05 -23.08
CA PHE A 365 -32.05 -10.76 -22.18
C PHE A 365 -30.93 -10.05 -22.93
N ILE A 366 -30.57 -10.54 -24.11
CA ILE A 366 -29.47 -9.95 -24.87
C ILE A 366 -29.83 -8.52 -25.28
N PHE A 367 -31.05 -8.30 -25.75
CA PHE A 367 -31.46 -6.97 -26.20
C PHE A 367 -31.47 -5.99 -25.03
N PHE A 368 -32.05 -6.39 -23.90
CA PHE A 368 -32.07 -5.51 -22.74
C PHE A 368 -30.67 -5.24 -22.24
N MET A 369 -29.79 -6.24 -22.28
CA MET A 369 -28.41 -6.02 -21.87
C MET A 369 -27.72 -5.02 -22.78
N ALA A 370 -27.92 -5.15 -24.09
CA ALA A 370 -27.33 -4.21 -25.03
C ALA A 370 -27.78 -2.80 -24.73
N ALA A 371 -29.09 -2.57 -24.68
CA ALA A 371 -29.61 -1.22 -24.46
C ALA A 371 -29.17 -0.69 -23.09
N PHE A 372 -29.18 -1.55 -22.07
CA PHE A 372 -28.82 -1.16 -20.72
C PHE A 372 -27.37 -0.71 -20.64
N ALA A 373 -26.45 -1.55 -21.12
CA ALA A 373 -25.04 -1.20 -21.10
C ALA A 373 -24.75 0.03 -21.94
N PHE A 374 -25.39 0.14 -23.11
CA PHE A 374 -25.11 1.28 -23.98
C PHE A 374 -25.61 2.57 -23.37
N SER A 375 -26.81 2.56 -22.79
CA SER A 375 -27.30 3.73 -22.08
C SER A 375 -26.34 4.11 -20.96
N ASN A 376 -25.99 3.13 -20.12
CA ASN A 376 -25.00 3.37 -19.07
C ASN A 376 -23.79 4.12 -19.62
N GLY A 377 -23.09 3.49 -20.55
CA GLY A 377 -21.87 4.06 -21.09
C GLY A 377 -22.06 5.45 -21.66
N TYR A 378 -22.99 5.60 -22.60
CA TYR A 378 -23.16 6.87 -23.31
C TYR A 378 -23.53 7.99 -22.35
N LEU A 379 -24.54 7.76 -21.49
CA LEU A 379 -25.00 8.84 -20.63
C LEU A 379 -23.98 9.15 -19.53
N ALA A 380 -23.30 8.13 -18.99
CA ALA A 380 -22.25 8.40 -18.02
C ALA A 380 -21.13 9.23 -18.64
N SER A 381 -20.73 8.89 -19.86
CA SER A 381 -19.69 9.66 -20.54
C SER A 381 -20.15 11.10 -20.78
N LEU A 382 -21.39 11.28 -21.24
CA LEU A 382 -21.90 12.62 -21.46
C LEU A 382 -21.88 13.43 -20.18
N CYS A 383 -22.31 12.84 -19.07
CA CYS A 383 -22.32 13.58 -17.80
C CYS A 383 -20.90 13.92 -17.35
N MET A 384 -19.99 12.95 -17.39
CA MET A 384 -18.61 13.21 -16.99
C MET A 384 -17.97 14.26 -17.88
N CYS A 385 -18.39 14.34 -19.14
CA CYS A 385 -17.79 15.29 -20.07
C CYS A 385 -18.36 16.69 -19.91
N PHE A 386 -19.66 16.79 -19.61
CA PHE A 386 -20.32 18.08 -19.51
C PHE A 386 -20.25 18.70 -18.13
N GLY A 387 -20.01 17.90 -17.09
CA GLY A 387 -19.93 18.43 -15.75
C GLY A 387 -18.87 19.50 -15.62
N PRO A 388 -17.61 19.15 -15.93
CA PRO A 388 -16.54 20.16 -15.88
C PRO A 388 -16.75 21.30 -16.86
N LYS A 389 -17.59 21.13 -17.89
CA LYS A 389 -17.86 22.19 -18.85
C LYS A 389 -19.03 23.07 -18.45
N LYS A 390 -19.73 22.74 -17.36
CA LYS A 390 -20.79 23.58 -16.84
C LYS A 390 -20.28 24.59 -15.81
N VAL A 391 -18.96 24.75 -15.71
CA VAL A 391 -18.35 25.63 -14.71
C VAL A 391 -17.14 26.31 -15.35
N LYS A 392 -16.75 27.45 -14.76
CA LYS A 392 -15.66 28.26 -15.29
C LYS A 392 -14.38 27.44 -15.37
N PRO A 393 -13.36 27.93 -16.10
CA PRO A 393 -12.12 27.14 -16.22
C PRO A 393 -11.42 26.88 -14.89
N ALA A 394 -11.21 27.93 -14.08
CA ALA A 394 -10.48 27.79 -12.82
C ALA A 394 -11.10 26.75 -11.89
N GLU A 395 -12.32 26.29 -12.17
CA GLU A 395 -12.99 25.30 -11.34
C GLU A 395 -13.22 23.97 -12.04
N ALA A 396 -12.96 23.88 -13.35
CA ALA A 396 -13.23 22.63 -14.07
C ALA A 396 -12.48 21.46 -13.46
N GLU A 397 -11.33 21.70 -12.84
CA GLU A 397 -10.59 20.61 -12.21
C GLU A 397 -11.34 20.09 -10.99
N THR A 398 -11.90 20.98 -10.18
CA THR A 398 -12.68 20.55 -9.03
C THR A 398 -13.95 19.83 -9.49
N ALA A 399 -14.72 20.46 -10.38
CA ALA A 399 -15.94 19.84 -10.91
C ALA A 399 -15.69 18.39 -11.31
N GLY A 400 -14.74 18.17 -12.21
CA GLY A 400 -14.35 16.82 -12.59
C GLY A 400 -14.18 15.94 -11.38
N ALA A 401 -13.29 16.34 -10.47
CA ALA A 401 -13.10 15.58 -9.23
C ALA A 401 -14.43 15.30 -8.55
N ILE A 402 -15.24 16.35 -8.35
CA ILE A 402 -16.56 16.16 -7.74
C ILE A 402 -17.33 15.09 -8.49
N MET A 403 -17.37 15.18 -9.81
CA MET A 403 -18.05 14.16 -10.60
C MET A 403 -17.51 12.78 -10.28
N ALA A 404 -16.18 12.64 -10.27
CA ALA A 404 -15.57 11.36 -9.95
C ALA A 404 -16.08 10.79 -8.65
N PHE A 405 -16.38 11.66 -7.67
CA PHE A 405 -16.96 11.19 -6.42
C PHE A 405 -18.36 10.64 -6.64
N PHE A 406 -19.23 11.44 -7.27
CA PHE A 406 -20.63 11.02 -7.44
C PHE A 406 -20.72 9.73 -8.22
N LEU A 407 -19.94 9.61 -9.30
CA LEU A 407 -19.80 8.32 -9.99
C LEU A 407 -19.64 7.20 -8.98
N CYS A 408 -18.59 7.27 -8.16
CA CYS A 408 -18.35 6.24 -7.15
C CYS A 408 -19.54 6.11 -6.21
N LEU A 409 -20.15 7.23 -5.83
CA LEU A 409 -21.37 7.16 -5.03
C LEU A 409 -22.40 6.28 -5.72
N GLY A 410 -22.68 6.56 -6.99
CA GLY A 410 -23.58 5.72 -7.74
C GLY A 410 -23.20 4.25 -7.67
N LEU A 411 -21.90 3.96 -7.68
CA LEU A 411 -21.44 2.59 -7.48
C LEU A 411 -21.83 2.12 -6.08
N ALA A 412 -21.38 2.83 -5.05
CA ALA A 412 -21.62 2.41 -3.67
C ALA A 412 -23.09 2.14 -3.43
N LEU A 413 -23.94 3.14 -3.68
CA LEU A 413 -25.37 2.96 -3.52
C LEU A 413 -25.85 1.74 -4.30
N GLY A 414 -25.42 1.61 -5.56
CA GLY A 414 -25.76 0.43 -6.31
C GLY A 414 -25.34 -0.84 -5.60
N ALA A 415 -24.09 -0.88 -5.14
CA ALA A 415 -23.61 -2.02 -4.37
C ALA A 415 -24.50 -2.31 -3.17
N VAL A 416 -25.09 -1.26 -2.58
CA VAL A 416 -26.03 -1.46 -1.49
C VAL A 416 -27.37 -1.98 -2.01
N PHE A 417 -27.84 -1.42 -3.11
CA PHE A 417 -29.14 -1.85 -3.65
C PHE A 417 -29.08 -3.27 -4.18
N SER A 418 -27.97 -3.64 -4.82
CA SER A 418 -27.81 -5.03 -5.26
C SER A 418 -27.82 -5.98 -4.08
N PHE A 419 -27.44 -5.50 -2.90
CA PHE A 419 -27.43 -6.32 -1.69
C PHE A 419 -28.84 -6.48 -1.15
N GLN B 9 -2.18 -25.24 16.36
CA GLN B 9 -3.15 -24.42 15.65
C GLN B 9 -3.24 -23.03 16.27
N ASP B 10 -2.75 -22.03 15.53
CA ASP B 10 -2.78 -20.63 15.98
C ASP B 10 -4.11 -20.03 15.55
N ARG B 11 -5.12 -20.16 16.41
CA ARG B 11 -6.46 -19.69 16.08
C ARG B 11 -6.43 -18.20 15.77
N TYR B 12 -7.12 -17.81 14.69
CA TYR B 12 -7.19 -16.41 14.26
C TYR B 12 -5.81 -15.80 14.09
N LYS B 13 -4.78 -16.64 13.96
CA LYS B 13 -3.38 -16.18 13.89
C LYS B 13 -3.03 -15.24 15.04
N ALA B 14 -3.80 -15.31 16.13
CA ALA B 14 -3.63 -14.41 17.27
C ALA B 14 -2.16 -14.18 17.57
N VAL B 15 -1.49 -15.21 18.10
CA VAL B 15 -0.08 -15.14 18.46
C VAL B 15 0.68 -14.40 17.36
N TRP B 16 0.60 -14.92 16.13
CA TRP B 16 1.30 -14.29 15.01
C TRP B 16 1.07 -12.78 15.02
N LEU B 17 -0.19 -12.38 14.87
CA LEU B 17 -0.53 -10.96 14.92
C LEU B 17 0.11 -10.29 16.13
N ILE B 18 -0.13 -10.85 17.33
CA ILE B 18 0.43 -10.28 18.54
C ILE B 18 1.94 -10.09 18.38
N PHE B 19 2.63 -11.15 17.97
CA PHE B 19 4.06 -11.03 17.71
C PHE B 19 4.35 -9.90 16.73
N PHE B 20 3.66 -9.93 15.58
CA PHE B 20 3.84 -8.86 14.59
C PHE B 20 3.63 -7.49 15.20
N MET B 21 2.74 -7.38 16.19
CA MET B 21 2.53 -6.09 16.84
C MET B 21 3.73 -5.71 17.70
N LEU B 22 4.22 -6.66 18.50
CA LEU B 22 5.36 -6.38 19.36
C LEU B 22 6.50 -5.74 18.57
N GLY B 23 6.86 -6.34 17.44
CA GLY B 23 7.88 -5.75 16.59
C GLY B 23 7.60 -4.30 16.29
N LEU B 24 6.40 -4.00 15.79
CA LEU B 24 6.03 -2.62 15.49
C LEU B 24 6.29 -1.72 16.69
N GLY B 25 6.02 -2.20 17.90
CA GLY B 25 6.15 -1.37 19.08
C GLY B 25 7.57 -1.11 19.51
N THR B 26 8.53 -1.87 18.97
CA THR B 26 9.92 -1.69 19.40
C THR B 26 10.56 -0.48 18.71
N LEU B 27 10.48 -0.44 17.38
CA LEU B 27 11.17 0.59 16.61
C LEU B 27 10.31 1.80 16.27
N LEU B 28 9.00 1.64 16.13
CA LEU B 28 8.16 2.76 15.74
C LEU B 28 8.33 3.95 16.68
N PRO B 29 8.37 3.80 18.00
CA PRO B 29 8.70 4.93 18.87
C PRO B 29 10.08 5.48 18.53
N TRP B 30 11.11 4.66 18.73
CA TRP B 30 12.49 5.09 18.48
C TRP B 30 12.65 5.66 17.07
N ASN B 31 12.15 4.94 16.07
CA ASN B 31 12.17 5.46 14.71
C ASN B 31 11.58 6.87 14.67
N PHE B 32 10.35 7.02 15.18
CA PHE B 32 9.75 8.34 15.26
C PHE B 32 10.70 9.31 15.96
N PHE B 33 11.28 8.88 17.08
CA PHE B 33 12.27 9.71 17.77
C PHE B 33 13.36 10.16 16.80
N MET B 34 13.97 9.21 16.09
CA MET B 34 14.97 9.58 15.09
C MET B 34 14.39 10.51 14.05
N THR B 35 13.15 10.25 13.62
CA THR B 35 12.50 11.11 12.63
C THR B 35 12.44 12.56 13.11
N ALA B 36 12.41 12.77 14.43
CA ALA B 36 12.31 14.11 14.99
C ALA B 36 13.66 14.80 15.11
N THR B 37 14.71 14.27 14.47
CA THR B 37 16.02 14.91 14.54
C THR B 37 15.94 16.38 14.15
N GLN B 38 15.28 16.67 13.01
CA GLN B 38 15.17 18.04 12.53
C GLN B 38 14.57 18.97 13.59
N TYR B 39 13.79 18.43 14.52
CA TYR B 39 13.21 19.26 15.57
C TYR B 39 14.23 19.57 16.67
N PHE B 40 15.05 18.58 17.04
CA PHE B 40 16.02 18.81 18.11
C PHE B 40 17.06 19.83 17.69
N THR B 41 17.81 19.53 16.61
CA THR B 41 18.81 20.45 16.10
C THR B 41 18.28 21.87 16.04
N ASN B 42 17.16 22.06 15.33
CA ASN B 42 16.53 23.37 15.24
C ASN B 42 16.35 23.98 16.63
N ARG B 43 15.66 23.26 17.52
CA ARG B 43 15.46 23.77 18.88
C ARG B 43 16.79 24.11 19.54
N LEU B 44 17.81 23.28 19.33
CA LEU B 44 19.12 23.57 19.91
C LEU B 44 19.73 24.82 19.29
N ASP B 45 19.54 25.01 17.98
CA ASP B 45 19.97 26.25 17.35
C ASP B 45 19.26 27.44 17.97
N MET B 46 17.98 27.29 18.31
CA MET B 46 17.23 28.36 18.93
C MET B 46 17.56 28.48 20.41
N LEU B 77 25.17 23.23 19.75
CA LEU B 77 24.91 21.88 20.25
C LEU B 77 24.34 21.00 19.15
N SER B 78 23.55 21.59 18.24
CA SER B 78 23.01 20.83 17.13
C SER B 78 24.12 20.14 16.33
N ALA B 79 25.20 20.87 16.06
CA ALA B 79 26.27 20.35 15.21
C ALA B 79 26.80 19.01 15.72
N ILE B 80 26.73 18.77 17.03
CA ILE B 80 27.21 17.52 17.58
C ILE B 80 26.08 16.55 17.91
N PHE B 81 24.85 17.04 18.05
CA PHE B 81 23.71 16.23 18.46
C PHE B 81 23.79 14.83 17.84
N ASN B 82 23.60 14.74 16.53
CA ASN B 82 23.63 13.47 15.83
C ASN B 82 24.70 12.56 16.41
N ASN B 83 25.97 12.97 16.28
CA ASN B 83 27.05 12.13 16.77
C ASN B 83 26.76 11.62 18.17
N VAL B 84 26.62 12.56 19.12
CA VAL B 84 26.39 12.18 20.51
C VAL B 84 25.27 11.15 20.59
N MET B 85 24.15 11.42 19.92
CA MET B 85 23.02 10.50 19.99
C MET B 85 23.46 9.08 19.69
N THR B 86 24.12 8.88 18.55
CA THR B 86 24.53 7.53 18.18
C THR B 86 25.36 6.89 19.27
N LEU B 87 26.31 7.65 19.85
CA LEU B 87 27.15 7.12 20.90
C LEU B 87 26.33 6.79 22.14
N CYS B 88 25.35 7.63 22.46
CA CYS B 88 24.44 7.36 23.57
C CYS B 88 23.38 6.33 23.20
N ALA B 89 23.36 5.85 21.95
CA ALA B 89 22.38 4.88 21.50
C ALA B 89 22.98 3.50 21.30
N MET B 90 24.08 3.40 20.55
CA MET B 90 24.67 2.11 20.21
C MET B 90 25.47 1.51 21.36
N LEU B 91 25.96 2.33 22.29
CA LEU B 91 26.78 1.79 23.38
C LEU B 91 25.90 1.18 24.46
N PRO B 92 24.84 1.87 24.91
CA PRO B 92 23.89 1.18 25.79
C PRO B 92 23.20 0.01 25.11
N LEU B 93 22.66 0.24 23.91
CA LEU B 93 22.05 -0.83 23.14
C LEU B 93 22.95 -2.05 23.08
N LEU B 94 24.18 -1.85 22.59
CA LEU B 94 25.12 -2.97 22.47
C LEU B 94 25.42 -3.57 23.84
N LEU B 95 25.43 -2.76 24.89
CA LEU B 95 25.70 -3.25 26.23
C LEU B 95 24.60 -4.21 26.67
N PHE B 96 23.39 -3.68 26.89
CA PHE B 96 22.36 -4.44 27.59
C PHE B 96 21.97 -5.70 26.84
N THR B 97 21.85 -5.62 25.51
CA THR B 97 21.62 -6.83 24.71
C THR B 97 22.57 -7.94 25.17
N TYR B 98 23.87 -7.65 25.13
CA TYR B 98 24.86 -8.62 25.59
C TYR B 98 24.50 -9.14 26.98
N LEU B 99 24.27 -8.23 27.92
CA LEU B 99 23.93 -8.66 29.28
C LEU B 99 22.66 -9.48 29.29
N ASN B 100 21.67 -9.12 28.46
CA ASN B 100 20.48 -9.93 28.35
C ASN B 100 20.84 -11.36 27.94
N SER B 101 21.71 -11.49 26.93
CA SER B 101 22.16 -12.81 26.49
C SER B 101 22.71 -13.63 27.64
N PHE B 102 23.18 -12.97 28.71
CA PHE B 102 23.69 -13.66 29.88
C PHE B 102 22.74 -13.64 31.06
N LEU B 103 21.79 -12.70 31.10
CA LEU B 103 20.97 -12.48 32.30
C LEU B 103 19.48 -12.56 32.01
N HIS B 104 19.08 -13.01 30.83
CA HIS B 104 17.65 -13.14 30.54
C HIS B 104 17.01 -14.29 31.29
N GLN B 105 17.80 -15.28 31.72
CA GLN B 105 17.26 -16.41 32.46
C GLN B 105 16.98 -16.05 33.91
N ARG B 106 17.70 -15.08 34.47
CA ARG B 106 17.49 -14.67 35.85
C ARG B 106 16.30 -13.75 36.02
N ILE B 107 15.71 -13.27 34.93
CA ILE B 107 14.56 -12.35 35.00
C ILE B 107 13.39 -12.97 34.25
N PRO B 108 12.16 -12.88 34.76
CA PRO B 108 11.01 -13.35 33.97
C PRO B 108 10.88 -12.55 32.68
N GLN B 109 10.44 -13.24 31.63
CA GLN B 109 10.28 -12.56 30.35
C GLN B 109 9.15 -11.54 30.41
N SER B 110 8.08 -11.84 31.16
CA SER B 110 7.02 -10.86 31.35
C SER B 110 7.57 -9.59 31.98
N VAL B 111 8.38 -9.75 33.03
CA VAL B 111 9.01 -8.59 33.67
C VAL B 111 9.83 -7.82 32.65
N ARG B 112 10.81 -8.48 32.03
CA ARG B 112 11.64 -7.81 31.03
C ARG B 112 10.80 -7.02 30.04
N ILE B 113 9.88 -7.71 29.35
CA ILE B 113 9.12 -7.10 28.27
C ILE B 113 8.27 -5.95 28.78
N LEU B 114 7.38 -6.22 29.73
CA LEU B 114 6.42 -5.21 30.16
C LEU B 114 7.11 -4.03 30.84
N GLY B 115 8.11 -4.31 31.68
CA GLY B 115 8.83 -3.23 32.33
C GLY B 115 9.60 -2.37 31.34
N SER B 116 10.25 -3.01 30.36
CA SER B 116 10.86 -2.22 29.30
C SER B 116 9.82 -1.34 28.64
N LEU B 117 8.68 -1.91 28.24
CA LEU B 117 7.67 -1.13 27.53
C LEU B 117 7.18 0.05 28.37
N VAL B 118 6.96 -0.16 29.67
CA VAL B 118 6.49 0.92 30.52
C VAL B 118 7.56 2.00 30.66
N ALA B 119 8.82 1.59 30.83
CA ALA B 119 9.90 2.57 30.93
C ALA B 119 10.03 3.37 29.65
N ILE B 120 9.94 2.69 28.51
CA ILE B 120 9.99 3.35 27.21
C ILE B 120 8.83 4.33 27.09
N LEU B 121 7.64 3.91 27.52
CA LEU B 121 6.45 4.75 27.42
C LEU B 121 6.60 6.00 28.27
N LEU B 122 7.08 5.85 29.50
CA LEU B 122 7.27 7.01 30.38
C LEU B 122 8.30 7.96 29.80
N VAL B 123 9.40 7.42 29.26
CA VAL B 123 10.42 8.27 28.67
C VAL B 123 9.83 9.06 27.50
N PHE B 124 9.05 8.40 26.65
CA PHE B 124 8.48 9.10 25.51
C PHE B 124 7.43 10.13 25.94
N LEU B 125 6.68 9.85 27.01
CA LEU B 125 5.75 10.83 27.54
C LEU B 125 6.48 12.08 28.00
N ILE B 126 7.56 11.90 28.76
CA ILE B 126 8.37 13.02 29.21
C ILE B 126 8.92 13.79 28.02
N THR B 127 9.39 13.07 26.99
CA THR B 127 9.90 13.72 25.79
C THR B 127 8.84 14.57 25.13
N ALA B 128 7.62 14.03 25.01
CA ALA B 128 6.52 14.80 24.45
C ALA B 128 6.29 16.09 25.23
N ILE B 129 6.24 15.98 26.56
CA ILE B 129 5.99 17.17 27.37
C ILE B 129 7.10 18.19 27.17
N LEU B 130 8.34 17.74 27.03
CA LEU B 130 9.46 18.68 26.92
C LEU B 130 9.35 19.57 25.69
N VAL B 131 8.57 19.17 24.68
CA VAL B 131 8.42 20.02 23.50
C VAL B 131 7.70 21.31 23.85
N LYS B 132 6.86 21.29 24.89
CA LYS B 132 5.99 22.41 25.20
C LYS B 132 6.57 23.35 26.26
N VAL B 133 7.68 22.98 26.88
CA VAL B 133 8.28 23.78 27.93
C VAL B 133 9.46 24.55 27.36
N GLN B 134 9.84 25.63 28.06
CA GLN B 134 10.98 26.45 27.68
C GLN B 134 12.17 26.06 28.54
N LEU B 135 13.11 25.34 27.95
CA LEU B 135 14.33 24.92 28.63
C LEU B 135 15.53 25.30 27.76
N ASP B 136 16.65 25.61 28.42
CA ASP B 136 17.83 26.07 27.72
C ASP B 136 18.37 24.98 26.80
N ALA B 137 19.31 25.38 25.93
CA ALA B 137 19.84 24.47 24.93
C ALA B 137 20.58 23.30 25.58
N LEU B 138 21.49 23.59 26.51
CA LEU B 138 22.31 22.53 27.09
C LEU B 138 21.50 21.61 28.00
N PRO B 139 20.67 22.11 28.91
CA PRO B 139 19.85 21.18 29.72
C PRO B 139 18.95 20.31 28.86
N PHE B 140 18.31 20.89 27.85
CA PHE B 140 17.49 20.11 26.94
C PHE B 140 18.32 19.03 26.25
N PHE B 141 19.50 19.41 25.77
CA PHE B 141 20.41 18.46 25.12
C PHE B 141 20.75 17.30 26.05
N VAL B 142 21.15 17.61 27.28
CA VAL B 142 21.58 16.58 28.22
C VAL B 142 20.41 15.66 28.57
N ILE B 143 19.24 16.23 28.84
CA ILE B 143 18.08 15.41 29.19
C ILE B 143 17.68 14.54 28.01
N THR B 144 17.74 15.08 26.79
CA THR B 144 17.44 14.29 25.61
C THR B 144 18.39 13.12 25.47
N MET B 145 19.67 13.34 25.76
CA MET B 145 20.64 12.23 25.66
C MET B 145 20.41 11.19 26.75
N ILE B 146 20.04 11.62 27.95
CA ILE B 146 19.68 10.67 28.99
C ILE B 146 18.52 9.81 28.54
N LYS B 147 17.49 10.45 27.96
CA LYS B 147 16.33 9.70 27.49
C LYS B 147 16.69 8.78 26.33
N ILE B 148 17.63 9.19 25.48
CA ILE B 148 18.08 8.31 24.41
C ILE B 148 18.76 7.07 24.99
N VAL B 149 19.62 7.27 25.98
CA VAL B 149 20.28 6.14 26.64
C VAL B 149 19.22 5.19 27.20
N LEU B 150 18.25 5.73 27.92
CA LEU B 150 17.21 4.89 28.52
C LEU B 150 16.42 4.15 27.45
N ILE B 151 16.02 4.85 26.40
CA ILE B 151 15.29 4.23 25.30
C ILE B 151 16.08 3.06 24.74
N ASN B 152 17.34 3.30 24.38
CA ASN B 152 18.14 2.27 23.74
C ASN B 152 18.38 1.09 24.68
N SER B 153 18.58 1.35 25.97
CA SER B 153 18.83 0.27 26.92
C SER B 153 17.60 -0.62 27.08
N PHE B 154 16.47 -0.01 27.45
CA PHE B 154 15.27 -0.78 27.70
C PHE B 154 14.76 -1.43 26.43
N GLY B 155 14.99 -0.79 25.29
CA GLY B 155 14.67 -1.40 24.01
C GLY B 155 15.58 -2.55 23.64
N ALA B 156 16.87 -2.45 23.97
CA ALA B 156 17.76 -3.59 23.85
C ALA B 156 17.20 -4.79 24.59
N ILE B 157 16.81 -4.58 25.85
CA ILE B 157 16.26 -5.68 26.64
C ILE B 157 15.00 -6.23 25.98
N LEU B 158 14.08 -5.33 25.60
CA LEU B 158 12.83 -5.78 25.00
C LEU B 158 13.06 -6.57 23.72
N GLN B 159 13.95 -6.09 22.85
CA GLN B 159 14.19 -6.74 21.57
C GLN B 159 14.87 -8.09 21.76
N GLY B 160 15.86 -8.16 22.65
CA GLY B 160 16.48 -9.44 22.96
C GLY B 160 15.47 -10.44 23.47
N SER B 161 14.62 -10.01 24.40
CA SER B 161 13.60 -10.91 24.94
C SER B 161 12.61 -11.34 23.86
N LEU B 162 12.26 -10.42 22.96
CA LEU B 162 11.33 -10.76 21.89
C LEU B 162 11.90 -11.82 20.97
N PHE B 163 13.16 -11.65 20.54
CA PHE B 163 13.75 -12.64 19.65
C PHE B 163 13.98 -13.97 20.37
N GLY B 164 14.36 -13.91 21.65
CA GLY B 164 14.46 -15.15 22.42
C GLY B 164 13.14 -15.89 22.48
N LEU B 165 12.06 -15.17 22.79
CA LEU B 165 10.74 -15.78 22.83
C LEU B 165 10.37 -16.38 21.48
N ALA B 166 10.55 -15.61 20.41
CA ALA B 166 10.22 -16.12 19.09
C ALA B 166 11.06 -17.34 18.73
N GLY B 167 12.25 -17.47 19.32
CA GLY B 167 13.07 -18.64 19.09
C GLY B 167 12.34 -19.93 19.44
N LEU B 168 11.42 -19.88 20.40
CA LEU B 168 10.64 -21.07 20.76
C LEU B 168 9.60 -21.41 19.71
N PHE B 169 9.15 -20.43 18.94
CA PHE B 169 8.09 -20.58 17.95
C PHE B 169 8.66 -20.83 16.57
N PRO B 170 7.84 -21.25 15.62
CA PRO B 170 8.32 -21.47 14.25
C PRO B 170 8.98 -20.22 13.68
N ALA B 171 9.71 -20.43 12.59
CA ALA B 171 10.44 -19.33 11.96
C ALA B 171 9.50 -18.22 11.53
N SER B 172 8.30 -18.58 11.06
CA SER B 172 7.33 -17.58 10.64
C SER B 172 7.08 -16.53 11.72
N TYR B 173 7.22 -16.91 12.98
CA TYR B 173 6.89 -16.00 14.08
C TYR B 173 8.05 -15.11 14.49
N THR B 174 9.28 -15.41 14.06
CA THR B 174 10.34 -14.41 14.09
C THR B 174 10.25 -13.50 12.87
N ALA B 175 9.86 -14.07 11.72
CA ALA B 175 9.55 -13.26 10.55
C ALA B 175 8.45 -12.26 10.87
N ALA B 176 7.53 -12.62 11.78
CA ALA B 176 6.50 -11.69 12.21
C ALA B 176 7.11 -10.45 12.84
N ILE B 177 8.03 -10.64 13.80
CA ILE B 177 8.71 -9.50 14.43
C ILE B 177 9.41 -8.67 13.36
N MET B 178 10.10 -9.33 12.44
CA MET B 178 10.86 -8.61 11.41
C MET B 178 9.92 -7.77 10.55
N SER B 179 8.81 -8.35 10.11
CA SER B 179 7.84 -7.61 9.30
C SER B 179 7.27 -6.44 10.07
N GLY B 180 7.02 -6.63 11.36
CA GLY B 180 6.54 -5.51 12.17
C GLY B 180 7.53 -4.37 12.21
N GLN B 181 8.81 -4.68 12.37
CA GLN B 181 9.83 -3.63 12.38
C GLN B 181 9.90 -2.92 11.02
N GLY B 182 9.80 -3.69 9.94
CA GLY B 182 9.75 -3.07 8.62
C GLY B 182 8.59 -2.11 8.46
N LEU B 183 7.41 -2.52 8.93
CA LEU B 183 6.25 -1.63 8.90
C LEU B 183 6.50 -0.38 9.74
N ALA B 184 7.19 -0.54 10.87
CA ALA B 184 7.53 0.62 11.69
C ALA B 184 8.35 1.62 10.88
N GLY B 185 9.38 1.13 10.19
CA GLY B 185 10.18 2.01 9.34
C GLY B 185 9.35 2.68 8.26
N PHE B 186 8.47 1.92 7.62
CA PHE B 186 7.61 2.49 6.58
C PHE B 186 6.73 3.61 7.13
N PHE B 187 6.09 3.36 8.27
CA PHE B 187 5.26 4.40 8.89
C PHE B 187 6.09 5.62 9.27
N ALA B 188 7.32 5.41 9.72
CA ALA B 188 8.17 6.55 10.05
C ALA B 188 8.44 7.40 8.82
N SER B 189 8.76 6.77 7.69
CA SER B 189 8.98 7.53 6.46
C SER B 189 7.72 8.26 6.03
N VAL B 190 6.57 7.59 6.11
CA VAL B 190 5.31 8.24 5.74
C VAL B 190 5.06 9.46 6.61
N ALA B 191 5.30 9.33 7.92
CA ALA B 191 5.11 10.45 8.83
C ALA B 191 6.06 11.60 8.49
N MET B 192 7.30 11.28 8.13
CA MET B 192 8.24 12.32 7.71
C MET B 192 7.68 13.10 6.53
N ILE B 193 7.27 12.38 5.48
CA ILE B 193 6.78 13.07 4.28
C ILE B 193 5.53 13.90 4.60
N CYS B 194 4.63 13.35 5.43
CA CYS B 194 3.40 14.08 5.75
C CYS B 194 3.71 15.33 6.56
N ALA B 195 4.65 15.24 7.51
CA ALA B 195 5.03 16.42 8.28
C ALA B 195 5.62 17.49 7.38
N ILE B 196 6.43 17.09 6.40
CA ILE B 196 6.99 18.07 5.47
C ILE B 196 5.88 18.72 4.65
N ALA B 197 4.99 17.91 4.09
CA ALA B 197 3.96 18.43 3.19
C ALA B 197 2.98 19.33 3.93
N SER B 198 2.46 18.87 5.07
CA SER B 198 1.47 19.65 5.81
C SER B 198 2.01 21.02 6.22
N GLY B 199 3.33 21.17 6.32
CA GLY B 199 3.91 22.43 6.70
C GLY B 199 3.84 22.76 8.18
N SER B 200 3.53 21.77 9.02
CA SER B 200 3.44 22.01 10.45
C SER B 200 4.81 22.31 11.04
N GLU B 201 4.81 22.92 12.22
CA GLU B 201 6.06 23.22 12.92
C GLU B 201 6.78 21.93 13.27
N LEU B 202 8.11 22.04 13.39
CA LEU B 202 8.90 20.90 13.84
C LEU B 202 8.49 20.48 15.25
N SER B 203 8.16 21.45 16.09
CA SER B 203 7.78 21.14 17.47
C SER B 203 6.49 20.34 17.53
N GLU B 204 5.44 20.82 16.86
CA GLU B 204 4.17 20.11 16.87
C GLU B 204 4.27 18.77 16.14
N SER B 205 5.07 18.71 15.08
CA SER B 205 5.29 17.44 14.39
C SER B 205 5.92 16.41 15.32
N ALA B 206 6.98 16.81 16.04
CA ALA B 206 7.62 15.91 16.98
C ALA B 206 6.68 15.54 18.13
N PHE B 207 5.85 16.49 18.56
CA PHE B 207 4.88 16.20 19.62
C PHE B 207 3.89 15.14 19.17
N GLY B 208 3.37 15.28 17.94
CA GLY B 208 2.51 14.24 17.39
C GLY B 208 3.22 12.91 17.28
N TYR B 209 4.47 12.92 16.83
CA TYR B 209 5.25 11.69 16.78
C TYR B 209 5.29 11.00 18.14
N PHE B 210 5.62 11.76 19.19
CA PHE B 210 5.78 11.17 20.51
C PHE B 210 4.45 10.69 21.08
N ILE B 211 3.36 11.42 20.82
CA ILE B 211 2.05 10.98 21.29
C ILE B 211 1.64 9.70 20.57
N THR B 212 1.88 9.62 19.26
CA THR B 212 1.62 8.39 18.53
C THR B 212 2.44 7.25 19.09
N ALA B 213 3.70 7.51 19.43
CA ALA B 213 4.54 6.47 20.02
C ALA B 213 3.99 5.99 21.35
N CYS B 214 3.51 6.91 22.18
CA CYS B 214 2.91 6.52 23.46
C CYS B 214 1.70 5.61 23.23
N ALA B 215 0.77 6.04 22.37
CA ALA B 215 -0.39 5.21 22.07
C ALA B 215 0.02 3.85 21.55
N VAL B 216 1.05 3.82 20.69
CA VAL B 216 1.50 2.57 20.11
C VAL B 216 2.06 1.64 21.17
N ILE B 217 2.86 2.18 22.10
CA ILE B 217 3.42 1.35 23.16
C ILE B 217 2.31 0.81 24.05
N ILE B 218 1.30 1.62 24.32
CA ILE B 218 0.18 1.17 25.15
C ILE B 218 -0.55 0.02 24.45
N LEU B 219 -0.83 0.18 23.16
CA LEU B 219 -1.48 -0.89 22.40
C LEU B 219 -0.61 -2.14 22.37
N THR B 220 0.70 -1.97 22.29
CA THR B 220 1.61 -3.12 22.27
C THR B 220 1.54 -3.88 23.58
N ILE B 221 1.53 -3.16 24.71
CA ILE B 221 1.39 -3.82 26.00
C ILE B 221 0.06 -4.58 26.06
N ILE B 222 -1.01 -3.94 25.59
CA ILE B 222 -2.31 -4.61 25.58
C ILE B 222 -2.24 -5.92 24.80
N CYS B 223 -1.57 -5.88 23.64
CA CYS B 223 -1.47 -7.07 22.81
C CYS B 223 -0.65 -8.16 23.49
N TYR B 224 0.48 -7.78 24.12
CA TYR B 224 1.29 -8.78 24.79
C TYR B 224 0.50 -9.46 25.92
N LEU B 225 -0.29 -8.69 26.66
CA LEU B 225 -1.03 -9.27 27.77
C LEU B 225 -2.02 -10.33 27.33
N GLY B 226 -2.25 -10.50 26.03
CA GLY B 226 -3.16 -11.51 25.53
C GLY B 226 -2.52 -12.83 25.13
N LEU B 227 -1.19 -12.93 25.18
CA LEU B 227 -0.55 -14.19 24.80
C LEU B 227 -0.86 -15.32 25.77
N PRO B 228 -0.74 -15.13 27.10
CA PRO B 228 -0.99 -16.25 28.01
C PRO B 228 -2.34 -16.92 27.82
N ARG B 229 -3.36 -16.18 27.42
CA ARG B 229 -4.70 -16.72 27.24
C ARG B 229 -4.89 -17.39 25.87
N LEU B 230 -3.80 -17.71 25.18
CA LEU B 230 -3.87 -18.38 23.88
C LEU B 230 -3.17 -19.73 23.98
N GLU B 231 -3.83 -20.78 23.49
CA GLU B 231 -3.28 -22.13 23.60
C GLU B 231 -2.05 -22.29 22.72
N PHE B 232 -2.06 -21.67 21.53
CA PHE B 232 -0.91 -21.78 20.64
C PHE B 232 0.34 -21.18 21.27
N TYR B 233 0.17 -20.23 22.20
CA TYR B 233 1.31 -19.63 22.88
C TYR B 233 1.82 -20.52 24.02
N ARG B 234 0.89 -21.13 24.77
CA ARG B 234 1.30 -22.01 25.86
C ARG B 234 1.85 -23.34 25.36
N TYR B 235 1.51 -23.73 24.12
CA TYR B 235 2.08 -24.95 23.56
C TYR B 235 3.58 -24.81 23.38
N TYR B 236 4.03 -23.76 22.70
CA TYR B 236 5.45 -23.60 22.43
C TYR B 236 6.21 -23.10 23.65
N GLN B 237 5.61 -22.19 24.43
CA GLN B 237 6.26 -21.70 25.63
C GLN B 237 6.44 -22.78 26.68
N GLN B 238 5.80 -23.94 26.51
CA GLN B 238 5.92 -25.03 27.46
C GLN B 238 7.33 -25.63 27.43
N SER B 250 25.74 -22.59 28.28
CA SER B 250 26.81 -22.81 27.30
C SER B 250 26.71 -21.81 26.16
N ILE B 251 26.91 -20.54 26.47
CA ILE B 251 26.76 -19.49 25.46
C ILE B 251 27.77 -19.68 24.33
N LYS B 252 28.98 -20.11 24.66
CA LYS B 252 29.99 -20.31 23.63
C LYS B 252 29.56 -21.39 22.64
N ALA B 253 29.03 -22.50 23.15
CA ALA B 253 28.59 -23.58 22.26
C ALA B 253 27.43 -23.12 21.38
N ILE B 254 26.42 -22.49 21.99
CA ILE B 254 25.29 -21.97 21.22
C ILE B 254 25.79 -21.05 20.11
N LEU B 255 26.70 -20.14 20.46
CA LEU B 255 27.26 -19.23 19.45
C LEU B 255 27.96 -20.00 18.35
N LYS B 256 28.70 -21.05 18.72
CA LYS B 256 29.37 -21.87 17.71
C LYS B 256 28.37 -22.50 16.75
N LYS B 257 27.20 -22.89 17.26
CA LYS B 257 26.17 -23.47 16.41
C LYS B 257 25.45 -22.43 15.57
N ILE B 258 25.51 -21.15 15.93
CA ILE B 258 24.86 -20.08 15.20
C ILE B 258 25.86 -19.03 14.73
N SER B 259 27.16 -19.32 14.79
CA SER B 259 28.16 -18.32 14.46
C SER B 259 27.97 -17.81 13.04
N VAL B 260 27.63 -18.69 12.10
CA VAL B 260 27.47 -18.28 10.70
C VAL B 260 26.36 -17.23 10.59
N LEU B 261 25.16 -17.59 11.02
CA LEU B 261 24.02 -16.67 10.90
C LEU B 261 24.25 -15.41 11.73
N ALA B 262 24.90 -15.54 12.88
CA ALA B 262 25.18 -14.38 13.72
C ALA B 262 26.08 -13.38 13.00
N PHE B 263 27.25 -13.85 12.57
CA PHE B 263 28.14 -13.00 11.80
C PHE B 263 27.44 -12.45 10.57
N SER B 264 26.57 -13.25 9.95
CA SER B 264 25.91 -12.83 8.73
C SER B 264 24.99 -11.65 8.97
N VAL B 265 24.15 -11.73 10.00
CA VAL B 265 23.23 -10.63 10.29
C VAL B 265 24.01 -9.39 10.74
N CYS B 266 25.06 -9.61 11.54
CA CYS B 266 25.91 -8.48 11.94
C CYS B 266 26.48 -7.77 10.72
N PHE B 267 26.93 -8.54 9.73
CA PHE B 267 27.53 -7.97 8.53
C PHE B 267 26.47 -7.25 7.68
N ILE B 268 25.29 -7.85 7.56
CA ILE B 268 24.18 -7.21 6.86
C ILE B 268 23.97 -5.81 7.43
N PHE B 269 23.75 -5.74 8.74
CA PHE B 269 23.41 -4.44 9.33
C PHE B 269 24.62 -3.51 9.37
N THR B 270 25.83 -4.05 9.43
CA THR B 270 27.01 -3.21 9.29
C THR B 270 27.00 -2.49 7.95
N ILE B 271 26.79 -3.23 6.86
CA ILE B 271 26.73 -2.61 5.54
C ILE B 271 25.58 -1.60 5.49
N THR B 272 24.40 -2.00 6.00
CA THR B 272 23.23 -1.16 5.85
C THR B 272 23.38 0.16 6.60
N ILE B 273 23.96 0.12 7.81
CA ILE B 273 24.13 1.32 8.60
C ILE B 273 25.39 2.10 8.22
N GLY B 274 26.35 1.46 7.55
CA GLY B 274 27.48 2.20 7.00
C GLY B 274 27.12 2.94 5.73
N MET B 275 26.13 2.44 4.99
CA MET B 275 25.69 3.09 3.77
C MET B 275 24.42 3.93 3.96
N PHE B 276 23.57 3.56 4.91
CA PHE B 276 22.28 4.21 5.08
C PHE B 276 22.07 4.57 6.54
N PRO B 277 21.57 5.79 6.85
CA PRO B 277 21.18 6.89 5.95
C PRO B 277 22.27 7.93 5.74
N ALA B 278 23.36 7.86 6.51
CA ALA B 278 24.34 8.94 6.52
C ALA B 278 24.87 9.24 5.13
N VAL B 279 25.07 8.21 4.31
CA VAL B 279 25.67 8.38 2.99
C VAL B 279 24.61 8.61 1.93
N THR B 280 23.48 7.91 2.00
CA THR B 280 22.47 8.02 0.96
C THR B 280 21.77 9.37 0.97
N VAL B 281 21.72 10.06 2.10
CA VAL B 281 21.06 11.36 2.17
C VAL B 281 21.86 12.47 1.51
N GLU B 282 23.08 12.18 1.07
CA GLU B 282 23.91 13.15 0.36
C GLU B 282 23.69 13.12 -1.14
N VAL B 283 22.98 12.11 -1.67
CA VAL B 283 22.73 12.03 -3.10
C VAL B 283 21.77 13.13 -3.51
N LYS B 284 21.93 13.61 -4.74
CA LYS B 284 21.07 14.64 -5.31
C LYS B 284 20.47 14.15 -6.62
N SER B 285 19.38 14.79 -7.03
CA SER B 285 18.72 14.44 -8.27
C SER B 285 19.46 15.07 -9.45
N SER B 286 19.45 14.36 -10.58
CA SER B 286 20.12 14.81 -11.79
C SER B 286 19.15 15.09 -12.93
N ILE B 287 17.85 14.94 -12.71
CA ILE B 287 16.87 15.14 -13.76
C ILE B 287 15.82 16.15 -13.32
N PHE B 297 12.66 14.49 -2.92
CA PHE B 297 13.55 13.49 -3.50
C PHE B 297 14.15 12.60 -2.41
N ILE B 298 14.96 13.22 -1.55
CA ILE B 298 15.65 12.49 -0.48
C ILE B 298 14.65 11.64 0.29
N PRO B 299 13.65 12.24 0.96
CA PRO B 299 12.74 11.42 1.77
C PRO B 299 11.92 10.43 0.97
N VAL B 300 11.84 10.57 -0.35
CA VAL B 300 11.04 9.67 -1.18
C VAL B 300 11.94 8.61 -1.79
N SER B 301 12.97 9.03 -2.52
CA SER B 301 13.83 8.07 -3.20
C SER B 301 14.66 7.24 -2.23
N CYS B 302 15.03 7.80 -1.09
CA CYS B 302 15.90 7.11 -0.14
C CYS B 302 15.10 6.47 0.98
N PHE B 303 14.53 7.28 1.87
CA PHE B 303 13.87 6.74 3.06
C PHE B 303 12.64 5.93 2.68
N LEU B 304 11.74 6.49 1.86
CA LEU B 304 10.51 5.79 1.53
C LEU B 304 10.80 4.50 0.77
N THR B 305 11.65 4.58 -0.26
CA THR B 305 11.99 3.39 -1.02
C THR B 305 12.67 2.34 -0.13
N PHE B 306 13.67 2.77 0.63
CA PHE B 306 14.38 1.85 1.50
C PHE B 306 13.41 1.14 2.43
N ASN B 307 12.55 1.90 3.13
CA ASN B 307 11.67 1.30 4.11
C ASN B 307 10.62 0.42 3.45
N ILE B 308 10.08 0.85 2.31
CA ILE B 308 9.11 0.02 1.59
C ILE B 308 9.71 -1.34 1.26
N PHE B 309 10.88 -1.34 0.61
CA PHE B 309 11.44 -2.60 0.13
C PHE B 309 12.01 -3.43 1.28
N ASP B 310 12.56 -2.78 2.32
CA ASP B 310 12.98 -3.50 3.52
C ASP B 310 11.80 -4.18 4.19
N TRP B 311 10.67 -3.48 4.29
CA TRP B 311 9.47 -4.06 4.88
C TRP B 311 8.95 -5.21 4.05
N LEU B 312 8.93 -5.06 2.72
CA LEU B 312 8.44 -6.14 1.86
C LEU B 312 9.37 -7.36 1.95
N GLY B 313 10.67 -7.13 2.03
CA GLY B 313 11.60 -8.24 2.19
C GLY B 313 11.43 -8.95 3.52
N ARG B 314 11.27 -8.17 4.61
CA ARG B 314 11.01 -8.77 5.91
C ARG B 314 9.69 -9.52 5.93
N SER B 315 8.72 -9.09 5.12
CA SER B 315 7.41 -9.73 5.11
C SER B 315 7.41 -11.01 4.28
N LEU B 316 8.15 -11.02 3.18
CA LEU B 316 8.15 -12.20 2.29
C LEU B 316 8.61 -13.46 3.00
N THR B 317 9.41 -13.34 4.07
CA THR B 317 9.90 -14.53 4.76
C THR B 317 8.81 -15.25 5.55
N ALA B 318 7.61 -14.67 5.65
CA ALA B 318 6.53 -15.36 6.33
C ALA B 318 6.00 -16.53 5.51
N VAL B 319 6.13 -16.47 4.18
CA VAL B 319 5.68 -17.52 3.29
C VAL B 319 6.84 -18.16 2.55
N PHE B 320 7.72 -17.34 1.97
CA PHE B 320 8.82 -17.83 1.13
C PHE B 320 10.14 -17.61 1.86
N MET B 321 10.87 -18.70 2.12
CA MET B 321 12.12 -18.66 2.87
C MET B 321 13.19 -19.44 2.09
N TRP B 322 13.84 -18.77 1.15
CA TRP B 322 14.98 -19.34 0.46
C TRP B 322 16.19 -18.41 0.58
N SER B 327 21.84 -24.09 4.47
CA SER B 327 22.30 -23.65 3.16
C SER B 327 23.40 -22.60 3.29
N ARG B 328 24.42 -22.71 2.46
CA ARG B 328 25.50 -21.74 2.41
C ARG B 328 25.21 -20.58 1.47
N TRP B 329 24.08 -20.60 0.77
CA TRP B 329 23.73 -19.47 -0.09
C TRP B 329 23.37 -18.24 0.72
N LEU B 330 22.86 -18.43 1.94
CA LEU B 330 22.44 -17.28 2.74
C LEU B 330 23.63 -16.40 3.12
N PRO B 331 24.68 -16.92 3.77
CA PRO B 331 25.85 -16.07 4.01
C PRO B 331 26.51 -15.61 2.73
N SER B 332 26.39 -16.37 1.64
CA SER B 332 26.98 -15.96 0.38
C SER B 332 26.33 -14.69 -0.15
N LEU B 333 25.01 -14.63 -0.14
CA LEU B 333 24.32 -13.40 -0.56
C LEU B 333 24.60 -12.27 0.43
N VAL B 334 24.68 -12.60 1.72
CA VAL B 334 25.08 -11.58 2.71
C VAL B 334 26.40 -10.94 2.29
N LEU B 335 27.37 -11.78 1.92
CA LEU B 335 28.68 -11.27 1.50
C LEU B 335 28.57 -10.50 0.19
N ALA B 336 27.74 -10.97 -0.74
CA ALA B 336 27.60 -10.30 -2.02
C ALA B 336 27.03 -8.90 -1.86
N ARG B 337 26.23 -8.67 -0.82
CA ARG B 337 25.71 -7.32 -0.57
C ARG B 337 26.81 -6.26 -0.56
N LEU B 338 28.08 -6.66 -0.40
CA LEU B 338 29.17 -5.69 -0.41
C LEU B 338 29.13 -4.80 -1.65
N VAL B 339 28.60 -5.30 -2.76
CA VAL B 339 28.56 -4.53 -4.00
C VAL B 339 27.78 -3.23 -3.86
N PHE B 340 27.00 -3.07 -2.78
CA PHE B 340 26.22 -1.86 -2.60
C PHE B 340 27.03 -0.67 -2.13
N VAL B 341 28.23 -0.91 -1.58
CA VAL B 341 29.07 0.19 -1.12
C VAL B 341 29.57 0.97 -2.35
N PRO B 342 30.25 0.32 -3.30
CA PRO B 342 30.69 1.07 -4.50
C PRO B 342 29.54 1.67 -5.28
N LEU B 343 28.50 0.87 -5.54
CA LEU B 343 27.36 1.36 -6.31
C LEU B 343 26.81 2.65 -5.73
N LEU B 344 26.40 2.62 -4.46
CA LEU B 344 25.80 3.79 -3.85
C LEU B 344 26.80 4.94 -3.71
N LEU B 345 28.08 4.64 -3.45
CA LEU B 345 29.06 5.70 -3.31
C LEU B 345 29.38 6.38 -4.64
N LEU B 346 29.11 5.72 -5.76
CA LEU B 346 29.40 6.29 -7.08
C LEU B 346 28.14 6.82 -7.78
N CYS B 347 27.08 7.10 -7.02
CA CYS B 347 25.90 7.74 -7.58
C CYS B 347 26.06 9.26 -7.49
N ASN B 348 25.05 9.99 -7.94
CA ASN B 348 25.16 11.44 -8.08
C ASN B 348 25.19 12.13 -6.72
N ILE B 349 26.24 11.87 -5.94
CA ILE B 349 26.44 12.58 -4.68
C ILE B 349 26.98 13.98 -4.98
N LYS B 350 26.37 14.99 -4.37
CA LYS B 350 26.79 16.36 -4.57
C LYS B 350 26.55 17.13 -3.27
N PRO B 351 27.56 17.87 -2.76
CA PRO B 351 28.90 18.00 -3.33
C PRO B 351 29.79 16.79 -3.05
N ARG B 352 30.58 16.39 -4.04
CA ARG B 352 31.53 15.29 -3.91
C ARG B 352 32.93 15.80 -4.17
N ARG B 353 33.88 15.38 -3.33
CA ARG B 353 35.25 15.88 -3.41
C ARG B 353 36.25 14.86 -3.95
N TYR B 354 36.00 13.56 -3.78
CA TYR B 354 36.97 12.54 -4.11
C TYR B 354 36.54 11.57 -5.21
N LEU B 355 35.25 11.43 -5.48
CA LEU B 355 34.76 10.45 -6.42
C LEU B 355 33.92 11.10 -7.51
N THR B 356 33.94 10.50 -8.69
CA THR B 356 33.13 10.94 -9.81
C THR B 356 31.80 10.18 -9.82
N VAL B 357 30.79 10.79 -10.42
CA VAL B 357 29.46 10.20 -10.49
C VAL B 357 29.44 9.21 -11.66
N VAL B 358 29.44 7.92 -11.33
CA VAL B 358 29.35 6.90 -12.37
C VAL B 358 27.89 6.67 -12.78
N PHE B 359 26.98 6.67 -11.81
CA PHE B 359 25.55 6.49 -12.06
C PHE B 359 24.86 7.80 -11.75
N GLU B 360 24.65 8.63 -12.78
CA GLU B 360 24.10 9.97 -12.58
C GLU B 360 22.59 9.94 -12.41
N HIS B 361 21.88 9.25 -13.31
CA HIS B 361 20.43 9.27 -13.31
C HIS B 361 19.89 8.83 -11.96
N ASP B 362 18.65 9.25 -11.67
CA ASP B 362 17.99 8.85 -10.44
C ASP B 362 17.45 7.42 -10.50
N ALA B 363 17.26 6.88 -11.70
CA ALA B 363 16.82 5.50 -11.83
C ALA B 363 17.82 4.54 -11.21
N TRP B 364 19.11 4.76 -11.44
CA TRP B 364 20.14 3.93 -10.84
C TRP B 364 20.05 3.99 -9.31
N PHE B 365 19.92 5.20 -8.77
CA PHE B 365 19.85 5.34 -7.32
C PHE B 365 18.64 4.61 -6.76
N ILE B 366 17.48 4.75 -7.41
CA ILE B 366 16.26 4.14 -6.89
C ILE B 366 16.34 2.62 -6.99
N PHE B 367 16.88 2.10 -8.08
CA PHE B 367 17.03 0.65 -8.23
C PHE B 367 18.02 0.09 -7.22
N PHE B 368 19.16 0.78 -7.02
CA PHE B 368 20.12 0.34 -6.02
C PHE B 368 19.53 0.37 -4.62
N MET B 369 18.76 1.41 -4.31
CA MET B 369 18.10 1.47 -3.01
C MET B 369 17.12 0.33 -2.85
N ALA B 370 16.34 0.04 -3.90
CA ALA B 370 15.41 -1.09 -3.86
C ALA B 370 16.15 -2.37 -3.52
N ALA B 371 17.18 -2.70 -4.31
CA ALA B 371 17.90 -3.97 -4.10
C ALA B 371 18.57 -3.99 -2.74
N PHE B 372 19.26 -2.90 -2.38
CA PHE B 372 19.93 -2.77 -1.09
C PHE B 372 18.98 -3.05 0.06
N ALA B 373 17.87 -2.31 0.13
CA ALA B 373 16.94 -2.45 1.24
C ALA B 373 16.26 -3.82 1.23
N PHE B 374 15.90 -4.32 0.05
CA PHE B 374 15.18 -5.59 -0.03
C PHE B 374 16.08 -6.74 0.41
N SER B 375 17.32 -6.78 -0.09
CA SER B 375 18.27 -7.78 0.37
C SER B 375 18.50 -7.67 1.87
N ASN B 376 18.69 -6.44 2.36
CA ASN B 376 18.82 -6.22 3.80
C ASN B 376 17.70 -6.93 4.55
N GLY B 377 16.46 -6.54 4.27
CA GLY B 377 15.33 -7.09 5.00
C GLY B 377 15.22 -8.59 4.87
N TYR B 378 15.24 -9.09 3.64
CA TYR B 378 15.04 -10.53 3.41
C TYR B 378 16.10 -11.35 4.13
N LEU B 379 17.37 -11.03 3.92
CA LEU B 379 18.44 -11.84 4.49
C LEU B 379 18.50 -11.68 6.01
N ALA B 380 18.28 -10.47 6.52
CA ALA B 380 18.25 -10.30 7.97
C ALA B 380 17.14 -11.13 8.60
N SER B 381 15.96 -11.15 7.98
CA SER B 381 14.86 -11.95 8.52
C SER B 381 15.19 -13.43 8.46
N LEU B 382 15.76 -13.90 7.35
CA LEU B 382 16.13 -15.31 7.27
C LEU B 382 17.14 -15.68 8.35
N CYS B 383 18.14 -14.82 8.57
CA CYS B 383 19.16 -15.11 9.57
C CYS B 383 18.55 -15.13 10.97
N MET B 384 17.71 -14.15 11.30
CA MET B 384 17.11 -14.11 12.63
C MET B 384 16.13 -15.26 12.83
N CYS B 385 15.54 -15.77 11.75
CA CYS B 385 14.63 -16.90 11.85
C CYS B 385 15.38 -18.20 12.05
N PHE B 386 16.48 -18.39 11.33
CA PHE B 386 17.20 -19.65 11.35
C PHE B 386 18.26 -19.72 12.44
N GLY B 387 18.59 -18.62 13.08
CA GLY B 387 19.54 -18.63 14.17
C GLY B 387 19.05 -19.46 15.34
N PRO B 388 17.91 -19.08 15.91
CA PRO B 388 17.35 -19.87 17.02
C PRO B 388 17.06 -21.31 16.64
N LYS B 389 16.87 -21.60 15.35
CA LYS B 389 16.59 -22.96 14.91
C LYS B 389 17.84 -23.81 14.74
N LYS B 390 19.03 -23.21 14.80
CA LYS B 390 20.27 -23.96 14.70
C LYS B 390 20.63 -24.69 15.98
N VAL B 391 19.89 -24.44 17.07
CA VAL B 391 20.18 -25.09 18.35
C VAL B 391 18.95 -25.87 18.79
N LYS B 392 19.07 -26.59 19.91
CA LYS B 392 17.95 -27.33 20.44
C LYS B 392 16.90 -26.37 21.01
N PRO B 393 15.66 -26.84 21.19
CA PRO B 393 14.63 -25.95 21.73
C PRO B 393 15.01 -25.30 23.05
N ALA B 394 15.55 -26.09 23.98
CA ALA B 394 15.91 -25.56 25.30
C ALA B 394 16.83 -24.35 25.20
N GLU B 395 17.64 -24.28 24.13
CA GLU B 395 18.61 -23.20 23.96
C GLU B 395 18.20 -22.21 22.87
N ALA B 396 16.96 -22.28 22.39
CA ALA B 396 16.52 -21.37 21.33
C ALA B 396 16.51 -19.93 21.83
N GLU B 397 15.85 -19.67 22.96
CA GLU B 397 15.74 -18.31 23.47
C GLU B 397 17.10 -17.62 23.49
N THR B 398 18.04 -18.16 24.27
CA THR B 398 19.38 -17.60 24.31
C THR B 398 19.90 -17.33 22.91
N ALA B 399 19.81 -18.33 22.03
CA ALA B 399 20.25 -18.14 20.65
C ALA B 399 19.67 -16.86 20.07
N GLY B 400 18.34 -16.75 20.09
CA GLY B 400 17.69 -15.53 19.67
C GLY B 400 18.33 -14.32 20.32
N ALA B 401 18.39 -14.33 21.66
CA ALA B 401 19.05 -13.25 22.38
C ALA B 401 20.44 -13.00 21.82
N ILE B 402 21.23 -14.06 21.68
CA ILE B 402 22.57 -13.91 21.11
C ILE B 402 22.48 -13.23 19.75
N MET B 403 21.62 -13.74 18.88
CA MET B 403 21.41 -13.09 17.58
C MET B 403 21.06 -11.62 17.77
N ALA B 404 20.14 -11.34 18.70
CA ALA B 404 19.74 -9.96 18.95
C ALA B 404 20.94 -9.08 19.24
N PHE B 405 21.95 -9.62 19.91
CA PHE B 405 23.17 -8.86 20.16
C PHE B 405 23.90 -8.59 18.84
N PHE B 406 24.18 -9.64 18.07
CA PHE B 406 24.93 -9.48 16.83
C PHE B 406 24.29 -8.43 15.94
N LEU B 407 22.97 -8.54 15.74
CA LEU B 407 22.23 -7.51 15.03
C LEU B 407 22.69 -6.13 15.48
N CYS B 408 22.50 -5.83 16.77
CA CYS B 408 22.91 -4.54 17.30
C CYS B 408 24.36 -4.26 16.98
N LEU B 409 25.24 -5.23 17.21
CA LEU B 409 26.66 -5.04 16.90
C LEU B 409 26.82 -4.51 15.49
N GLY B 410 26.18 -5.16 14.53
CA GLY B 410 26.20 -4.69 13.15
C GLY B 410 25.92 -3.20 13.12
N LEU B 411 24.72 -2.82 13.59
CA LEU B 411 24.36 -1.42 13.68
C LEU B 411 25.53 -0.60 14.21
N ALA B 412 26.01 -0.96 15.41
CA ALA B 412 27.10 -0.23 16.03
C ALA B 412 28.26 -0.09 15.06
N LEU B 413 28.76 -1.20 14.53
CA LEU B 413 29.88 -1.12 13.60
C LEU B 413 29.53 -0.25 12.40
N GLY B 414 28.33 -0.42 11.85
CA GLY B 414 27.89 0.45 10.79
C GLY B 414 27.92 1.91 11.22
N ALA B 415 27.41 2.18 12.43
CA ALA B 415 27.47 3.54 12.96
C ALA B 415 28.90 4.05 13.02
N VAL B 416 29.86 3.17 13.29
CA VAL B 416 31.27 3.56 13.25
C VAL B 416 31.74 3.68 11.80
N PHE B 417 31.28 2.77 10.93
CA PHE B 417 31.73 2.79 9.54
C PHE B 417 31.18 3.99 8.79
N SER B 418 29.97 4.45 9.13
CA SER B 418 29.39 5.63 8.52
C SER B 418 29.94 6.92 9.12
N PHE B 419 30.76 6.84 10.16
CA PHE B 419 31.32 8.02 10.80
C PHE B 419 32.68 8.37 10.21
#